data_7B6K
#
_entry.id   7B6K
#
_cell.length_a   58.693
_cell.length_b   58.903
_cell.length_c   74.011
_cell.angle_alpha   97.098
_cell.angle_beta   91.201
_cell.angle_gamma   104.598
#
_symmetry.space_group_name_H-M   'P 1'
#
loop_
_entity.id
_entity.type
_entity.pdbx_description
1 polymer 'UDP-N-acetylmuramoyl-L-alanyl-D-glutamate-2,6-diaminopimelate ligase'
2 non-polymer 'DIMETHYL SULFOXIDE'
3 non-polymer 'ISOPROPYL ALCOHOL'
4 non-polymer 5-cyclohexyl-3-(pyridin-4-yl)-1,2,4-oxadiazole
5 non-polymer 'CITRIC ACID'
6 water water
#
_entity_poly.entity_id   1
_entity_poly.type   'polypeptide(L)'
_entity_poly.pdbx_seq_one_letter_code
;SMADRNLRDLLAPWVPDAPSRALREMTLDSRVAAAGDLFVAVVGHQADGRRYIPQAIAQGVAAIIAEAKDEATDGEIREM
HGVPVIYLSQLNERLSALAGRFYHEPSDNLRLVGVTGTNGKTTTTQLLAQWSQLLGEISAVMGTVGNGLLGKVIPTENTT
GSAVDVQHELAGLVDQGATFCAMEVSSHGLVQHRVAALKFAASVFTNLSRDHLDYHGDMEHYEAAKWLLYSEHHCGQAII
NADDEVGRRWLAKLPDAVAVSMEDHINPNCHGRWLKATEVNYHDSGATIRFSSSWGDGEIESHLMGAFNVSNLLLALATL
LALGYPLADLLKTAARLQPVCGRMEVFTAPGKPTVVVDYAHTPDALEKALQAARLHCAGKLWCVFGCGGDRDKGKRPLMG
AIAEEFADVAVVTDDNPRTEEPRAIINDILAGMLDAGHAKVMEGRAEAVTCAVMQAKENDVVLVAGKGHEDYQIVGNQRL
DYSDRVTVARLLGVIA
;
_entity_poly.pdbx_strand_id   A,B
#
loop_
_chem_comp.id
_chem_comp.type
_chem_comp.name
_chem_comp.formula
CIT non-polymer 'CITRIC ACID' 'C6 H8 O7'
DMS non-polymer 'DIMETHYL SULFOXIDE' 'C2 H6 O S'
IPA non-polymer 'ISOPROPYL ALCOHOL' 'C3 H8 O'
SZ2 non-polymer 5-cyclohexyl-3-(pyridin-4-yl)-1,2,4-oxadiazole 'C13 H15 N3 O'
#
# COMPACT_ATOMS: atom_id res chain seq x y z
N ARG A 5 1.68 8.60 22.60
CA ARG A 5 1.10 7.34 23.13
C ARG A 5 0.25 7.63 24.38
N ASN A 6 -1.03 7.29 24.32
CA ASN A 6 -2.04 7.63 25.35
C ASN A 6 -3.05 6.49 25.50
N LEU A 7 -3.30 6.09 26.74
CA LEU A 7 -4.27 5.04 27.08
C LEU A 7 -5.59 5.29 26.34
N ARG A 8 -6.08 6.53 26.39
CA ARG A 8 -7.42 6.90 25.87
C ARG A 8 -7.47 6.65 24.35
N ASP A 9 -6.49 7.19 23.64
N ASP A 9 -6.49 7.18 23.62
CA ASP A 9 -6.36 7.04 22.16
CA ASP A 9 -6.39 7.03 22.13
C ASP A 9 -6.14 5.56 21.83
C ASP A 9 -6.13 5.56 21.80
N LEU A 10 -5.17 4.93 22.49
CA LEU A 10 -4.89 3.47 22.35
C LEU A 10 -6.20 2.67 22.38
N LEU A 11 -7.11 2.96 23.33
CA LEU A 11 -8.28 2.07 23.56
C LEU A 11 -9.57 2.60 22.89
N ALA A 12 -9.51 3.76 22.23
CA ALA A 12 -10.63 4.46 21.55
C ALA A 12 -11.48 3.52 20.70
N PRO A 13 -10.92 2.60 19.88
CA PRO A 13 -11.76 1.68 19.10
C PRO A 13 -12.63 0.72 19.94
N TRP A 14 -12.25 0.46 21.20
CA TRP A 14 -12.88 -0.60 22.02
C TRP A 14 -13.52 -0.05 23.31
N VAL A 15 -12.88 0.90 23.99
CA VAL A 15 -13.34 1.41 25.32
C VAL A 15 -13.49 2.92 25.22
N PRO A 16 -14.71 3.45 24.95
CA PRO A 16 -14.90 4.87 24.70
C PRO A 16 -14.48 5.79 25.85
N ASP A 17 -14.59 5.35 27.09
CA ASP A 17 -14.45 6.25 28.28
C ASP A 17 -13.16 5.94 29.05
N ALA A 18 -12.09 5.50 28.37
CA ALA A 18 -10.79 5.20 29.01
C ALA A 18 -10.11 6.51 29.40
N PRO A 19 -9.49 6.59 30.61
CA PRO A 19 -8.82 7.81 31.04
C PRO A 19 -7.57 8.15 30.22
N SER A 20 -7.33 9.44 30.04
CA SER A 20 -6.13 10.02 29.41
C SER A 20 -4.94 9.78 30.33
N ARG A 21 -3.90 9.13 29.78
CA ARG A 21 -2.63 8.79 30.47
C ARG A 21 -1.55 8.60 29.42
N ALA A 22 -0.50 9.42 29.47
CA ALA A 22 0.73 9.22 28.69
C ALA A 22 1.31 7.84 29.01
N LEU A 23 1.81 7.14 27.99
CA LEU A 23 2.37 5.78 28.13
C LEU A 23 3.74 5.76 27.48
N ARG A 24 4.69 5.06 28.09
CA ARG A 24 6.07 4.92 27.58
C ARG A 24 6.09 3.65 26.72
N GLU A 25 6.45 2.50 27.30
CA GLU A 25 6.53 1.21 26.57
C GLU A 25 5.35 0.31 26.98
N MET A 26 5.12 -0.70 26.15
CA MET A 26 4.07 -1.73 26.36
C MET A 26 4.83 -3.01 26.71
N THR A 27 4.53 -3.65 27.85
CA THR A 27 5.22 -4.90 28.25
C THR A 27 4.22 -5.87 28.88
N LEU A 28 4.45 -7.17 28.66
CA LEU A 28 3.68 -8.30 29.24
C LEU A 28 4.37 -8.76 30.53
N ASP A 29 5.62 -8.35 30.72
CA ASP A 29 6.51 -8.79 31.83
C ASP A 29 6.48 -7.76 32.97
N SER A 30 5.86 -8.08 34.10
CA SER A 30 5.78 -7.17 35.28
C SER A 30 7.17 -6.80 35.79
N ARG A 31 8.18 -7.66 35.59
CA ARG A 31 9.56 -7.45 36.10
C ARG A 31 10.27 -6.29 35.39
N VAL A 32 9.97 -5.97 34.12
CA VAL A 32 10.63 -4.84 33.39
C VAL A 32 9.68 -3.63 33.27
N ALA A 33 8.37 -3.82 33.48
CA ALA A 33 7.39 -2.73 33.61
C ALA A 33 7.99 -1.60 34.46
N ALA A 34 8.24 -0.44 33.85
CA ALA A 34 8.93 0.75 34.44
C ALA A 34 7.94 1.93 34.56
N ALA A 35 8.34 2.98 35.28
CA ALA A 35 7.52 4.21 35.46
C ALA A 35 6.98 4.63 34.10
N GLY A 36 5.69 4.93 34.03
CA GLY A 36 5.02 5.42 32.81
C GLY A 36 4.61 4.32 31.83
N ASP A 37 4.90 3.04 32.11
CA ASP A 37 4.66 1.91 31.15
C ASP A 37 3.21 1.47 31.15
N LEU A 38 2.84 0.72 30.10
CA LEU A 38 1.56 0.03 29.97
C LEU A 38 1.89 -1.42 30.29
N PHE A 39 1.40 -1.92 31.41
CA PHE A 39 1.48 -3.35 31.77
C PHE A 39 0.28 -4.04 31.15
N VAL A 40 0.52 -5.14 30.43
CA VAL A 40 -0.58 -5.96 29.87
C VAL A 40 -0.55 -7.30 30.60
N ALA A 41 -1.65 -7.60 31.31
CA ALA A 41 -1.81 -8.75 32.23
C ALA A 41 -2.65 -9.80 31.54
N VAL A 42 -2.00 -10.85 31.01
CA VAL A 42 -2.60 -11.89 30.13
C VAL A 42 -2.61 -13.22 30.89
N VAL A 43 -3.55 -14.08 30.56
CA VAL A 43 -3.63 -15.50 31.07
C VAL A 43 -3.16 -16.41 29.94
N GLY A 44 -2.12 -17.21 30.20
CA GLY A 44 -1.59 -18.24 29.29
C GLY A 44 -1.75 -19.65 29.84
N HIS A 45 -0.87 -20.58 29.47
CA HIS A 45 -0.77 -21.93 30.06
C HIS A 45 -0.06 -21.83 31.42
N GLN A 46 -0.78 -22.14 32.52
CA GLN A 46 -0.37 -21.96 33.95
C GLN A 46 -0.43 -20.47 34.34
N ALA A 47 0.35 -19.62 33.65
CA ALA A 47 0.69 -18.22 34.01
C ALA A 47 -0.53 -17.27 33.93
N ASP A 48 -0.74 -16.48 34.99
CA ASP A 48 -1.79 -15.42 35.07
C ASP A 48 -1.12 -14.11 35.48
N GLY A 49 -0.92 -13.19 34.54
CA GLY A 49 -0.22 -11.90 34.77
C GLY A 49 -1.01 -10.94 35.66
N ARG A 50 -2.32 -11.13 35.83
CA ARG A 50 -3.15 -10.31 36.74
C ARG A 50 -2.63 -10.42 38.18
N ARG A 51 -2.06 -11.59 38.53
CA ARG A 51 -1.34 -11.88 39.81
C ARG A 51 -0.36 -10.75 40.09
N TYR A 52 0.39 -10.30 39.07
CA TYR A 52 1.51 -9.34 39.18
C TYR A 52 1.05 -7.88 38.99
N ILE A 53 -0.25 -7.59 39.11
CA ILE A 53 -0.79 -6.19 38.98
C ILE A 53 -0.28 -5.32 40.12
N PRO A 54 -0.37 -5.77 41.40
CA PRO A 54 0.15 -5.00 42.54
C PRO A 54 1.62 -4.60 42.36
N GLN A 55 2.47 -5.54 41.94
CA GLN A 55 3.92 -5.32 41.68
C GLN A 55 4.08 -4.27 40.56
N ALA A 56 3.39 -4.44 39.43
CA ALA A 56 3.41 -3.47 38.31
C ALA A 56 3.07 -2.09 38.87
N ILE A 57 1.95 -1.98 39.58
CA ILE A 57 1.49 -0.70 40.20
C ILE A 57 2.62 -0.09 41.05
N ALA A 58 3.21 -0.88 41.96
CA ALA A 58 4.25 -0.43 42.92
C ALA A 58 5.48 0.07 42.17
N GLN A 59 5.76 -0.47 40.98
CA GLN A 59 6.87 -0.08 40.08
C GLN A 59 6.50 1.14 39.22
N GLY A 60 5.31 1.70 39.40
CA GLY A 60 4.90 2.99 38.84
C GLY A 60 4.42 2.95 37.39
N VAL A 61 3.77 1.89 36.94
CA VAL A 61 3.19 1.87 35.57
C VAL A 61 2.08 2.92 35.50
N ALA A 62 1.89 3.51 34.32
CA ALA A 62 0.85 4.54 34.11
C ALA A 62 -0.51 3.85 34.03
N ALA A 63 -0.58 2.61 33.51
CA ALA A 63 -1.87 1.90 33.32
C ALA A 63 -1.67 0.40 33.06
N ILE A 64 -2.74 -0.35 33.22
CA ILE A 64 -2.77 -1.83 33.05
C ILE A 64 -3.99 -2.16 32.18
N ILE A 65 -3.78 -3.04 31.22
CA ILE A 65 -4.90 -3.68 30.47
C ILE A 65 -4.85 -5.16 30.88
N ALA A 66 -5.98 -5.75 31.29
CA ALA A 66 -5.98 -7.10 31.91
C ALA A 66 -7.05 -8.01 31.29
N GLU A 67 -6.80 -9.31 31.30
CA GLU A 67 -7.79 -10.35 30.94
C GLU A 67 -9.01 -10.14 31.83
N ALA A 68 -10.20 -9.99 31.24
CA ALA A 68 -11.48 -9.82 31.96
C ALA A 68 -12.03 -11.14 32.48
N LYS A 69 -11.48 -12.28 32.02
CA LYS A 69 -12.03 -13.65 32.23
C LYS A 69 -12.07 -13.96 33.74
N ASP A 70 -13.29 -14.03 34.29
CA ASP A 70 -13.60 -14.44 35.69
C ASP A 70 -13.51 -13.24 36.64
N GLU A 71 -12.90 -12.13 36.22
CA GLU A 71 -12.66 -10.98 37.13
C GLU A 71 -13.63 -9.84 36.78
N ALA A 72 -13.90 -9.59 35.50
CA ALA A 72 -14.55 -8.33 35.06
C ALA A 72 -15.27 -8.49 33.72
N THR A 73 -16.05 -7.47 33.36
CA THR A 73 -16.77 -7.34 32.07
C THR A 73 -15.82 -6.72 31.03
N ASP A 74 -16.00 -7.03 29.75
CA ASP A 74 -15.16 -6.49 28.65
C ASP A 74 -15.30 -4.96 28.68
N GLY A 75 -14.19 -4.25 28.78
CA GLY A 75 -14.16 -2.77 28.74
C GLY A 75 -14.49 -2.16 30.09
N GLU A 76 -14.50 -2.98 31.15
CA GLU A 76 -14.68 -2.52 32.54
C GLU A 76 -13.44 -1.72 32.92
N ILE A 77 -13.64 -0.47 33.34
CA ILE A 77 -12.58 0.45 33.84
C ILE A 77 -12.62 0.48 35.37
N ARG A 78 -11.59 -0.07 36.01
CA ARG A 78 -11.35 0.10 37.47
C ARG A 78 -10.16 1.05 37.66
N GLU A 79 -9.83 1.31 38.92
CA GLU A 79 -8.78 2.28 39.35
C GLU A 79 -8.22 1.74 40.67
N MET A 80 -6.94 1.32 40.67
CA MET A 80 -6.24 0.71 41.84
C MET A 80 -5.00 1.57 42.16
N HIS A 81 -4.99 2.25 43.30
CA HIS A 81 -3.85 3.06 43.80
C HIS A 81 -3.58 4.22 42.84
N GLY A 82 -4.66 4.77 42.26
CA GLY A 82 -4.65 5.84 41.25
C GLY A 82 -4.38 5.36 39.82
N VAL A 83 -4.06 4.08 39.60
CA VAL A 83 -3.67 3.52 38.27
C VAL A 83 -4.90 2.95 37.54
N PRO A 84 -5.23 3.39 36.30
CA PRO A 84 -6.37 2.82 35.59
C PRO A 84 -6.04 1.35 35.26
N VAL A 85 -7.01 0.48 35.50
CA VAL A 85 -6.93 -0.95 35.14
C VAL A 85 -8.15 -1.22 34.28
N ILE A 86 -7.93 -1.47 32.99
CA ILE A 86 -9.04 -1.69 32.02
C ILE A 86 -9.06 -3.17 31.64
N TYR A 87 -10.23 -3.80 31.75
CA TYR A 87 -10.41 -5.25 31.50
C TYR A 87 -10.93 -5.47 30.08
N LEU A 88 -10.38 -6.47 29.37
CA LEU A 88 -10.78 -6.86 27.99
C LEU A 88 -10.93 -8.37 27.94
N SER A 89 -12.04 -8.85 27.36
N SER A 89 -12.03 -8.85 27.34
CA SER A 89 -12.28 -10.28 27.07
CA SER A 89 -12.29 -10.29 27.06
C SER A 89 -11.35 -10.69 25.92
C SER A 89 -11.41 -10.72 25.88
N GLN A 90 -10.87 -11.94 25.93
CA GLN A 90 -10.08 -12.55 24.83
C GLN A 90 -8.86 -11.68 24.51
N LEU A 91 -8.12 -11.31 25.55
CA LEU A 91 -6.94 -10.42 25.42
C LEU A 91 -5.88 -11.04 24.50
N ASN A 92 -5.66 -12.36 24.59
CA ASN A 92 -4.63 -13.06 23.76
C ASN A 92 -4.96 -12.86 22.28
N GLU A 93 -6.23 -12.91 21.90
CA GLU A 93 -6.70 -12.80 20.49
C GLU A 93 -6.48 -11.36 20.02
N ARG A 94 -6.66 -10.38 20.92
CA ARG A 94 -6.72 -8.93 20.61
C ARG A 94 -5.37 -8.25 20.83
N LEU A 95 -4.37 -8.97 21.31
CA LEU A 95 -3.06 -8.39 21.70
C LEU A 95 -2.30 -7.86 20.48
N SER A 96 -2.31 -8.59 19.37
CA SER A 96 -1.70 -8.09 18.13
C SER A 96 -2.27 -6.70 17.78
N ALA A 97 -3.58 -6.55 17.77
CA ALA A 97 -4.26 -5.31 17.32
C ALA A 97 -3.93 -4.18 18.31
N LEU A 98 -3.85 -4.51 19.59
CA LEU A 98 -3.59 -3.51 20.67
C LEU A 98 -2.18 -2.97 20.45
N ALA A 99 -1.21 -3.87 20.24
CA ALA A 99 0.22 -3.55 20.03
C ALA A 99 0.39 -2.82 18.70
N GLY A 100 -0.36 -3.19 17.66
CA GLY A 100 -0.32 -2.49 16.36
C GLY A 100 -0.67 -1.02 16.51
N ARG A 101 -1.75 -0.76 17.20
CA ARG A 101 -2.25 0.62 17.45
C ARG A 101 -1.23 1.34 18.35
N PHE A 102 -0.62 0.65 19.29
CA PHE A 102 0.35 1.25 20.23
C PHE A 102 1.55 1.73 19.43
N TYR A 103 2.01 0.90 18.48
CA TYR A 103 3.24 1.15 17.68
C TYR A 103 2.97 1.76 16.31
N HIS A 104 1.80 2.35 16.10
CA HIS A 104 1.48 3.22 14.94
C HIS A 104 1.43 2.37 13.67
N GLU A 105 0.96 1.13 13.81
CA GLU A 105 0.50 0.24 12.71
C GLU A 105 1.65 0.04 11.73
N PRO A 106 2.79 -0.48 12.20
CA PRO A 106 3.99 -0.59 11.36
C PRO A 106 3.79 -1.38 10.05
N SER A 107 2.89 -2.37 10.02
CA SER A 107 2.65 -3.19 8.81
C SER A 107 1.90 -2.39 7.73
N ASP A 108 1.33 -1.22 8.07
CA ASP A 108 0.68 -0.27 7.14
C ASP A 108 1.72 0.73 6.62
N ASN A 109 2.95 0.67 7.13
CA ASN A 109 3.98 1.71 6.84
C ASN A 109 5.19 1.05 6.17
N LEU A 110 5.10 -0.24 5.86
CA LEU A 110 6.04 -0.95 4.95
C LEU A 110 5.27 -2.06 4.25
N ARG A 111 5.86 -2.64 3.20
CA ARG A 111 5.30 -3.81 2.46
C ARG A 111 5.79 -5.06 3.19
N LEU A 112 4.89 -5.73 3.91
CA LEU A 112 5.19 -6.92 4.73
C LEU A 112 4.81 -8.18 3.94
N VAL A 113 5.79 -9.06 3.74
CA VAL A 113 5.52 -10.39 3.14
C VAL A 113 5.76 -11.48 4.18
N GLY A 114 4.70 -12.24 4.46
CA GLY A 114 4.73 -13.43 5.33
C GLY A 114 5.07 -14.68 4.53
N VAL A 115 5.98 -15.50 5.07
CA VAL A 115 6.34 -16.82 4.45
C VAL A 115 6.05 -17.89 5.50
N THR A 116 5.25 -18.88 5.13
CA THR A 116 4.85 -20.00 6.03
C THR A 116 5.19 -21.31 5.33
N GLY A 117 5.37 -22.37 6.09
CA GLY A 117 5.69 -23.71 5.57
C GLY A 117 6.72 -24.40 6.43
N THR A 118 6.93 -25.69 6.22
CA THR A 118 7.88 -26.48 7.03
C THR A 118 9.30 -26.07 6.63
N ASN A 119 9.63 -26.07 5.34
CA ASN A 119 11.01 -25.75 4.85
C ASN A 119 11.02 -24.55 3.92
N GLY A 120 12.20 -23.97 3.75
CA GLY A 120 12.49 -22.89 2.78
C GLY A 120 12.05 -21.49 3.22
N LYS A 121 11.56 -21.30 4.45
N LYS A 121 11.56 -21.35 4.45
CA LYS A 121 11.12 -19.95 4.93
CA LYS A 121 11.12 -20.07 5.07
C LYS A 121 12.35 -19.04 5.03
C LYS A 121 12.30 -19.09 5.09
N THR A 122 13.48 -19.53 5.54
CA THR A 122 14.65 -18.66 5.76
C THR A 122 15.17 -18.20 4.41
N THR A 123 15.36 -19.12 3.48
CA THR A 123 15.80 -18.79 2.11
C THR A 123 14.76 -17.92 1.42
N THR A 124 13.48 -18.25 1.50
CA THR A 124 12.48 -17.51 0.67
C THR A 124 12.43 -16.05 1.17
N THR A 125 12.42 -15.84 2.49
CA THR A 125 12.42 -14.50 3.11
C THR A 125 13.69 -13.75 2.73
N GLN A 126 14.87 -14.41 2.77
N GLN A 126 14.84 -14.42 2.81
CA GLN A 126 16.14 -13.70 2.43
CA GLN A 126 16.15 -13.82 2.44
C GLN A 126 16.10 -13.30 0.95
C GLN A 126 16.08 -13.33 0.98
N LEU A 127 15.57 -14.17 0.07
CA LEU A 127 15.47 -13.81 -1.37
C LEU A 127 14.48 -12.65 -1.56
N LEU A 128 13.34 -12.66 -0.85
CA LEU A 128 12.38 -11.55 -0.95
C LEU A 128 13.07 -10.23 -0.53
N ALA A 129 13.76 -10.24 0.60
CA ALA A 129 14.40 -9.04 1.17
C ALA A 129 15.50 -8.55 0.20
N GLN A 130 16.33 -9.47 -0.31
CA GLN A 130 17.44 -9.12 -1.23
C GLN A 130 16.88 -8.55 -2.52
N TRP A 131 15.90 -9.22 -3.13
CA TRP A 131 15.44 -8.87 -4.50
C TRP A 131 14.75 -7.49 -4.48
N SER A 132 13.93 -7.28 -3.47
CA SER A 132 13.19 -6.01 -3.29
C SER A 132 14.19 -4.88 -3.05
N GLN A 133 15.27 -5.14 -2.33
CA GLN A 133 16.29 -4.10 -2.05
C GLN A 133 17.08 -3.79 -3.33
N LEU A 134 17.43 -4.79 -4.13
CA LEU A 134 17.97 -4.58 -5.51
C LEU A 134 17.07 -3.69 -6.36
N LEU A 135 15.76 -3.68 -6.15
CA LEU A 135 14.84 -2.84 -6.96
C LEU A 135 14.62 -1.49 -6.28
N GLY A 136 15.28 -1.22 -5.15
CA GLY A 136 15.31 0.12 -4.56
C GLY A 136 14.65 0.19 -3.19
N GLU A 137 14.09 -0.90 -2.66
CA GLU A 137 13.54 -0.86 -1.29
C GLU A 137 14.70 -0.77 -0.29
N ILE A 138 14.40 -0.39 0.93
CA ILE A 138 15.28 -0.68 2.12
C ILE A 138 14.64 -1.85 2.87
N SER A 139 15.25 -3.04 2.74
CA SER A 139 14.58 -4.31 3.09
C SER A 139 15.11 -4.85 4.42
N ALA A 140 14.24 -5.56 5.12
CA ALA A 140 14.47 -6.20 6.42
C ALA A 140 13.98 -7.64 6.41
N VAL A 141 14.43 -8.41 7.40
CA VAL A 141 13.89 -9.77 7.65
C VAL A 141 13.56 -9.89 9.11
N MET A 142 12.54 -10.68 9.38
CA MET A 142 12.20 -11.15 10.73
C MET A 142 12.03 -12.66 10.65
N GLY A 143 12.77 -13.42 11.47
CA GLY A 143 12.80 -14.89 11.37
C GLY A 143 13.85 -15.54 12.25
N THR A 144 14.23 -16.77 11.88
CA THR A 144 14.96 -17.77 12.72
C THR A 144 16.39 -17.28 13.01
N VAL A 145 17.06 -16.74 11.99
CA VAL A 145 18.44 -16.15 12.00
C VAL A 145 18.42 -14.80 12.74
N GLY A 146 17.24 -14.19 12.88
CA GLY A 146 16.99 -12.99 13.71
C GLY A 146 16.19 -11.94 12.96
N ASN A 147 16.15 -10.71 13.49
CA ASN A 147 15.47 -9.53 12.89
C ASN A 147 16.50 -8.46 12.53
N GLY A 148 16.24 -7.69 11.49
CA GLY A 148 17.02 -6.48 11.16
C GLY A 148 17.00 -6.15 9.70
N LEU A 149 17.48 -4.95 9.36
CA LEU A 149 17.75 -4.55 7.97
C LEU A 149 18.69 -5.60 7.40
N LEU A 150 18.61 -5.88 6.10
CA LEU A 150 19.56 -6.79 5.40
C LEU A 150 21.00 -6.41 5.75
N GLY A 151 21.82 -7.40 6.15
CA GLY A 151 23.23 -7.23 6.54
C GLY A 151 23.40 -6.93 8.02
N LYS A 152 22.32 -6.53 8.71
CA LYS A 152 22.39 -6.16 10.15
C LYS A 152 21.32 -6.93 10.90
N VAL A 153 21.27 -8.25 10.71
CA VAL A 153 20.29 -9.13 11.42
C VAL A 153 20.83 -9.38 12.84
N ILE A 154 20.02 -9.07 13.86
CA ILE A 154 20.30 -9.30 15.31
C ILE A 154 19.63 -10.61 15.72
N PRO A 155 20.39 -11.65 16.15
CA PRO A 155 19.83 -12.96 16.50
C PRO A 155 18.58 -13.01 17.40
N GLY A 161 8.86 -14.80 22.26
CA GLY A 161 8.27 -13.96 21.20
C GLY A 161 6.74 -13.88 21.30
N SER A 162 6.21 -12.68 21.50
CA SER A 162 4.76 -12.41 21.72
C SER A 162 4.19 -11.52 20.59
N ALA A 163 2.88 -11.35 20.53
CA ALA A 163 2.19 -10.39 19.61
C ALA A 163 2.76 -8.97 19.80
N VAL A 164 3.21 -8.65 21.01
CA VAL A 164 3.67 -7.28 21.34
C VAL A 164 5.08 -7.12 20.76
N ASP A 165 5.96 -8.09 21.01
CA ASP A 165 7.35 -8.10 20.51
C ASP A 165 7.36 -8.03 18.98
N VAL A 166 6.41 -8.70 18.32
CA VAL A 166 6.36 -8.72 16.82
C VAL A 166 6.07 -7.29 16.36
N GLN A 167 5.09 -6.62 16.95
CA GLN A 167 4.72 -5.25 16.52
C GLN A 167 5.88 -4.29 16.83
N HIS A 168 6.47 -4.44 18.02
CA HIS A 168 7.57 -3.58 18.52
C HIS A 168 8.78 -3.70 17.57
N GLU A 169 9.15 -4.92 17.21
CA GLU A 169 10.30 -5.18 16.30
C GLU A 169 9.97 -4.57 14.92
N LEU A 170 8.73 -4.67 14.45
CA LEU A 170 8.41 -4.18 13.08
C LEU A 170 8.41 -2.64 13.11
N ALA A 171 7.95 -2.05 14.21
CA ALA A 171 8.02 -0.58 14.47
C ALA A 171 9.48 -0.14 14.44
N GLY A 172 10.36 -0.86 15.14
CA GLY A 172 11.81 -0.57 15.14
C GLY A 172 12.38 -0.57 13.72
N LEU A 173 12.00 -1.54 12.90
CA LEU A 173 12.45 -1.60 11.49
C LEU A 173 11.90 -0.38 10.72
N VAL A 174 10.64 0.02 10.97
CA VAL A 174 10.03 1.18 10.24
C VAL A 174 10.83 2.43 10.63
N ASP A 175 11.19 2.53 11.90
CA ASP A 175 11.99 3.62 12.51
C ASP A 175 13.35 3.72 11.83
N GLN A 176 13.96 2.58 11.49
CA GLN A 176 15.29 2.51 10.85
C GLN A 176 15.22 2.74 9.33
N GLY A 177 14.02 2.94 8.76
CA GLY A 177 13.80 3.32 7.35
C GLY A 177 13.36 2.17 6.44
N ALA A 178 13.17 0.97 6.98
CA ALA A 178 12.68 -0.22 6.22
C ALA A 178 11.38 0.13 5.48
N THR A 179 11.34 -0.15 4.18
CA THR A 179 10.14 -0.04 3.32
C THR A 179 9.60 -1.42 2.93
N PHE A 180 10.31 -2.49 3.28
CA PHE A 180 9.96 -3.89 2.91
C PHE A 180 10.46 -4.80 4.02
N CYS A 181 9.61 -5.71 4.47
CA CYS A 181 10.03 -6.74 5.44
C CYS A 181 9.49 -8.10 5.00
N ALA A 182 10.38 -9.09 4.92
CA ALA A 182 10.10 -10.52 4.74
C ALA A 182 10.18 -11.18 6.11
N MET A 183 9.07 -11.76 6.53
CA MET A 183 8.83 -12.34 7.86
C MET A 183 8.52 -13.82 7.72
N GLU A 184 9.35 -14.66 8.35
CA GLU A 184 9.05 -16.08 8.61
C GLU A 184 7.88 -16.16 9.58
N VAL A 185 6.80 -16.82 9.22
CA VAL A 185 5.66 -17.03 10.15
C VAL A 185 5.62 -18.53 10.52
N SER A 186 5.83 -18.83 11.80
CA SER A 186 5.78 -20.21 12.35
C SER A 186 4.31 -20.64 12.48
N SER A 187 4.01 -21.92 12.27
CA SER A 187 2.64 -22.47 12.46
C SER A 187 2.20 -22.13 13.90
N HIS A 188 3.11 -22.24 14.86
CA HIS A 188 2.83 -22.01 16.29
C HIS A 188 2.54 -20.52 16.53
N GLY A 189 3.35 -19.61 15.99
CA GLY A 189 3.12 -18.15 15.95
C GLY A 189 1.71 -17.81 15.47
N LEU A 190 1.28 -18.36 14.33
CA LEU A 190 -0.04 -18.08 13.71
C LEU A 190 -1.15 -18.52 14.68
N VAL A 191 -1.03 -19.73 15.24
CA VAL A 191 -2.05 -20.36 16.12
C VAL A 191 -2.16 -19.55 17.43
N GLN A 192 -1.05 -19.00 17.91
CA GLN A 192 -1.00 -18.21 19.17
C GLN A 192 -1.36 -16.74 18.89
N HIS A 193 -1.86 -16.41 17.69
CA HIS A 193 -2.40 -15.08 17.32
C HIS A 193 -1.29 -14.03 17.40
N ARG A 194 -0.04 -14.44 17.16
CA ARG A 194 1.15 -13.56 17.23
C ARG A 194 1.25 -12.61 16.03
N VAL A 195 0.55 -12.90 14.93
CA VAL A 195 0.57 -12.00 13.74
C VAL A 195 -0.86 -11.66 13.38
N ALA A 196 -1.78 -11.77 14.33
CA ALA A 196 -3.24 -11.68 14.09
C ALA A 196 -3.63 -10.35 13.41
N ALA A 197 -3.01 -9.19 13.71
CA ALA A 197 -3.50 -7.90 13.14
C ALA A 197 -2.51 -7.32 12.14
N LEU A 198 -1.48 -8.05 11.73
CA LEU A 198 -0.49 -7.58 10.73
C LEU A 198 -1.17 -7.52 9.36
N LYS A 199 -0.93 -6.43 8.64
CA LYS A 199 -1.41 -6.25 7.25
C LYS A 199 -0.35 -6.90 6.36
N PHE A 200 -0.49 -8.17 6.02
CA PHE A 200 0.50 -8.77 5.07
C PHE A 200 0.16 -8.28 3.68
N ALA A 201 1.13 -7.73 2.97
CA ALA A 201 0.98 -7.42 1.52
C ALA A 201 0.86 -8.73 0.74
N ALA A 202 1.52 -9.79 1.21
CA ALA A 202 1.53 -11.10 0.51
C ALA A 202 1.84 -12.19 1.51
N SER A 203 1.32 -13.38 1.25
CA SER A 203 1.50 -14.61 2.07
C SER A 203 1.95 -15.73 1.11
N VAL A 204 3.08 -16.33 1.45
CA VAL A 204 3.81 -17.33 0.64
C VAL A 204 3.74 -18.64 1.41
N PHE A 205 3.33 -19.70 0.74
CA PHE A 205 3.34 -21.10 1.24
C PHE A 205 4.43 -21.85 0.48
N THR A 206 5.42 -22.37 1.20
CA THR A 206 6.51 -23.16 0.60
C THR A 206 6.11 -24.64 0.47
N ASN A 207 5.68 -25.28 1.56
CA ASN A 207 5.41 -26.74 1.66
C ASN A 207 4.94 -27.10 3.08
N LEU A 208 4.23 -28.25 3.22
CA LEU A 208 3.87 -28.93 4.49
C LEU A 208 4.45 -30.36 4.50
N SER A 209 5.15 -30.75 5.59
CA SER A 209 5.75 -32.08 5.85
C SER A 209 6.64 -32.52 4.68
N GLY A 217 -10.02 -38.79 9.47
CA GLY A 217 -10.11 -37.40 8.99
C GLY A 217 -9.30 -36.43 9.86
N ASP A 218 -8.04 -36.79 10.17
CA ASP A 218 -7.07 -35.85 10.80
C ASP A 218 -6.93 -34.65 9.86
N MET A 219 -6.63 -34.93 8.57
CA MET A 219 -6.42 -33.93 7.50
C MET A 219 -7.62 -32.96 7.44
N GLU A 220 -8.86 -33.44 7.66
CA GLU A 220 -10.08 -32.60 7.63
C GLU A 220 -10.05 -31.55 8.75
N HIS A 221 -9.84 -31.95 10.02
CA HIS A 221 -9.79 -31.02 11.18
C HIS A 221 -8.63 -30.04 11.02
N TYR A 222 -7.43 -30.54 10.70
CA TYR A 222 -6.19 -29.73 10.56
C TYR A 222 -6.51 -28.59 9.60
N GLU A 223 -7.04 -28.95 8.43
CA GLU A 223 -7.33 -28.01 7.32
C GLU A 223 -8.40 -27.01 7.76
N ALA A 224 -9.45 -27.49 8.43
CA ALA A 224 -10.57 -26.66 8.96
C ALA A 224 -10.02 -25.62 9.94
N ALA A 225 -9.21 -26.07 10.90
CA ALA A 225 -8.54 -25.19 11.87
C ALA A 225 -7.67 -24.15 11.13
N LYS A 226 -6.87 -24.55 10.13
CA LYS A 226 -5.96 -23.58 9.43
C LYS A 226 -6.80 -22.63 8.58
N TRP A 227 -7.79 -23.15 7.86
CA TRP A 227 -8.62 -22.29 6.98
C TRP A 227 -9.29 -21.20 7.81
N LEU A 228 -9.86 -21.56 8.97
CA LEU A 228 -10.45 -20.59 9.92
C LEU A 228 -9.40 -19.54 10.31
N LEU A 229 -8.20 -19.98 10.71
CA LEU A 229 -7.12 -19.07 11.19
C LEU A 229 -6.80 -18.04 10.10
N TYR A 230 -6.61 -18.51 8.86
CA TYR A 230 -6.20 -17.67 7.71
C TYR A 230 -7.38 -16.80 7.26
N SER A 231 -8.62 -17.24 7.48
CA SER A 231 -9.84 -16.47 7.14
C SER A 231 -9.89 -15.20 8.01
N GLU A 232 -9.28 -15.27 9.19
CA GLU A 232 -9.21 -14.20 10.22
C GLU A 232 -8.03 -13.25 9.96
N HIS A 233 -7.09 -13.58 9.07
CA HIS A 233 -5.87 -12.74 8.86
C HIS A 233 -6.04 -11.94 7.57
N HIS A 234 -5.28 -10.85 7.48
CA HIS A 234 -5.06 -10.02 6.26
C HIS A 234 -3.87 -10.62 5.50
N CYS A 235 -4.14 -11.64 4.70
CA CYS A 235 -3.08 -12.42 3.99
C CYS A 235 -2.55 -11.67 2.77
N GLY A 236 -3.30 -10.69 2.24
CA GLY A 236 -2.94 -10.03 0.96
C GLY A 236 -2.91 -11.04 -0.18
N GLN A 237 -1.97 -10.86 -1.12
CA GLN A 237 -1.74 -11.76 -2.27
C GLN A 237 -1.24 -13.11 -1.76
N ALA A 238 -1.93 -14.19 -2.09
CA ALA A 238 -1.49 -15.55 -1.74
C ALA A 238 -0.59 -16.07 -2.86
N ILE A 239 0.61 -16.49 -2.50
CA ILE A 239 1.57 -17.15 -3.42
C ILE A 239 1.81 -18.57 -2.90
N ILE A 240 1.44 -19.59 -3.67
CA ILE A 240 1.37 -20.99 -3.17
C ILE A 240 2.14 -21.91 -4.10
N ASN A 241 3.02 -22.71 -3.51
CA ASN A 241 3.76 -23.80 -4.18
C ASN A 241 2.79 -24.91 -4.62
N ALA A 242 2.56 -25.05 -5.92
CA ALA A 242 1.59 -26.02 -6.49
C ALA A 242 2.22 -27.40 -6.61
N ASP A 243 3.51 -27.56 -6.30
CA ASP A 243 4.23 -28.84 -6.27
C ASP A 243 3.98 -29.53 -4.93
N ASP A 244 3.38 -28.85 -3.96
CA ASP A 244 3.02 -29.44 -2.65
C ASP A 244 1.55 -29.84 -2.73
N GLU A 245 1.23 -31.07 -2.29
CA GLU A 245 -0.14 -31.63 -2.29
C GLU A 245 -1.09 -30.68 -1.55
N VAL A 246 -0.64 -30.14 -0.41
CA VAL A 246 -1.48 -29.24 0.44
C VAL A 246 -1.57 -27.89 -0.27
N GLY A 247 -0.46 -27.37 -0.79
CA GLY A 247 -0.45 -26.21 -1.72
C GLY A 247 -1.57 -26.26 -2.76
N ARG A 248 -1.73 -27.40 -3.46
N ARG A 248 -1.71 -27.41 -3.43
CA ARG A 248 -2.74 -27.55 -4.54
CA ARG A 248 -2.70 -27.62 -4.53
C ARG A 248 -4.15 -27.50 -3.95
C ARG A 248 -4.13 -27.54 -3.98
N ARG A 249 -4.39 -28.16 -2.82
CA ARG A 249 -5.73 -28.16 -2.19
C ARG A 249 -6.16 -26.70 -1.90
N TRP A 250 -5.22 -25.89 -1.42
CA TRP A 250 -5.50 -24.47 -1.09
C TRP A 250 -5.63 -23.63 -2.36
N LEU A 251 -4.84 -23.90 -3.41
CA LEU A 251 -5.02 -23.24 -4.73
C LEU A 251 -6.38 -23.59 -5.32
N ALA A 252 -6.84 -24.82 -5.13
CA ALA A 252 -8.19 -25.29 -5.55
C ALA A 252 -9.27 -24.32 -5.03
N LYS A 253 -9.11 -23.81 -3.81
CA LYS A 253 -10.13 -22.98 -3.09
C LYS A 253 -9.81 -21.46 -3.13
N LEU A 254 -8.76 -21.03 -3.83
CA LEU A 254 -8.29 -19.61 -3.82
C LEU A 254 -8.03 -19.15 -5.26
N PRO A 255 -9.08 -18.74 -5.99
CA PRO A 255 -8.93 -18.46 -7.43
C PRO A 255 -8.01 -17.26 -7.73
N ASP A 256 -7.74 -16.39 -6.74
CA ASP A 256 -6.87 -15.19 -6.93
C ASP A 256 -5.45 -15.48 -6.44
N ALA A 257 -5.17 -16.69 -5.95
CA ALA A 257 -3.81 -17.06 -5.48
C ALA A 257 -2.97 -17.33 -6.71
N VAL A 258 -1.66 -17.08 -6.63
CA VAL A 258 -0.67 -17.37 -7.69
C VAL A 258 -0.12 -18.79 -7.49
N ALA A 259 -0.24 -19.64 -8.53
CA ALA A 259 0.31 -21.01 -8.57
C ALA A 259 1.76 -20.94 -9.07
N VAL A 260 2.65 -21.59 -8.34
CA VAL A 260 4.09 -21.64 -8.68
C VAL A 260 4.50 -23.10 -8.75
N SER A 261 5.17 -23.48 -9.84
CA SER A 261 5.49 -24.89 -10.14
C SER A 261 6.83 -25.00 -10.82
N MET A 262 7.60 -26.03 -10.47
CA MET A 262 8.77 -26.41 -11.30
C MET A 262 8.63 -27.89 -11.72
N GLU A 263 7.46 -28.52 -11.48
CA GLU A 263 7.15 -29.94 -11.76
C GLU A 263 5.81 -30.10 -12.50
N ASP A 264 5.41 -29.14 -13.33
CA ASP A 264 4.26 -29.27 -14.27
C ASP A 264 2.90 -29.35 -13.54
N HIS A 265 2.69 -28.62 -12.43
CA HIS A 265 1.41 -28.68 -11.65
C HIS A 265 0.53 -27.44 -11.91
N ILE A 266 0.92 -26.55 -12.82
CA ILE A 266 0.04 -25.44 -13.29
C ILE A 266 -1.07 -26.07 -14.12
N ASN A 267 -2.32 -25.89 -13.70
CA ASN A 267 -3.52 -26.30 -14.49
C ASN A 267 -4.01 -25.06 -15.24
N PRO A 268 -3.73 -24.92 -16.55
CA PRO A 268 -4.12 -23.72 -17.32
C PRO A 268 -5.64 -23.50 -17.48
N ASN A 269 -6.46 -24.56 -17.36
CA ASN A 269 -7.96 -24.43 -17.36
C ASN A 269 -8.50 -23.43 -16.32
N CYS A 270 -7.76 -23.15 -15.24
N CYS A 270 -7.76 -23.15 -15.25
CA CYS A 270 -8.25 -22.30 -14.12
CA CYS A 270 -8.22 -22.30 -14.11
C CYS A 270 -8.17 -20.80 -14.48
C CYS A 270 -8.17 -20.80 -14.48
N HIS A 271 -7.34 -20.42 -15.46
CA HIS A 271 -7.10 -19.01 -15.89
C HIS A 271 -6.66 -18.14 -14.71
N GLY A 272 -6.00 -18.75 -13.72
CA GLY A 272 -5.43 -18.01 -12.58
C GLY A 272 -4.08 -17.43 -12.98
N ARG A 273 -3.45 -16.72 -12.06
CA ARG A 273 -2.06 -16.27 -12.25
C ARG A 273 -1.14 -17.45 -11.94
N TRP A 274 -0.02 -17.53 -12.65
CA TRP A 274 0.84 -18.73 -12.55
C TRP A 274 2.27 -18.34 -12.89
N LEU A 275 3.19 -19.18 -12.43
CA LEU A 275 4.61 -19.11 -12.83
C LEU A 275 5.20 -20.51 -12.68
N LYS A 276 5.88 -20.96 -13.74
CA LYS A 276 6.40 -22.33 -13.76
C LYS A 276 7.76 -22.36 -14.47
N ALA A 277 8.71 -23.06 -13.87
CA ALA A 277 10.00 -23.35 -14.54
C ALA A 277 9.70 -24.38 -15.63
N THR A 278 10.02 -24.06 -16.87
CA THR A 278 9.86 -24.98 -18.03
C THR A 278 11.10 -25.87 -18.14
N GLU A 279 12.30 -25.34 -17.94
CA GLU A 279 13.49 -26.23 -17.86
C GLU A 279 14.50 -25.63 -16.87
N VAL A 280 15.22 -26.50 -16.17
CA VAL A 280 16.29 -26.11 -15.22
C VAL A 280 17.53 -26.89 -15.62
N ASN A 281 18.62 -26.17 -15.90
CA ASN A 281 19.99 -26.73 -16.06
C ASN A 281 20.79 -26.51 -14.76
N TYR A 282 20.96 -27.54 -13.95
CA TYR A 282 21.79 -27.48 -12.71
C TYR A 282 23.24 -27.65 -13.18
N HIS A 283 24.06 -26.60 -13.04
CA HIS A 283 25.46 -26.55 -13.55
C HIS A 283 26.44 -26.28 -12.41
N ASP A 284 27.72 -26.07 -12.73
CA ASP A 284 28.85 -26.10 -11.76
C ASP A 284 28.82 -24.86 -10.86
N SER A 285 28.09 -23.79 -11.21
CA SER A 285 28.06 -22.53 -10.42
C SER A 285 26.64 -22.05 -10.11
N GLY A 286 25.63 -22.89 -10.30
CA GLY A 286 24.24 -22.49 -10.06
C GLY A 286 23.24 -23.25 -10.91
N ALA A 287 22.12 -22.60 -11.18
CA ALA A 287 21.03 -23.13 -12.02
C ALA A 287 20.59 -22.06 -13.01
N THR A 288 20.43 -22.48 -14.25
CA THR A 288 19.80 -21.69 -15.32
C THR A 288 18.33 -22.09 -15.32
N ILE A 289 17.47 -21.14 -14.94
CA ILE A 289 16.02 -21.37 -14.76
C ILE A 289 15.30 -20.66 -15.90
N ARG A 290 14.70 -21.44 -16.80
CA ARG A 290 13.79 -20.92 -17.84
C ARG A 290 12.37 -21.10 -17.34
N PHE A 291 11.57 -20.06 -17.46
CA PHE A 291 10.22 -20.05 -16.87
C PHE A 291 9.23 -19.29 -17.75
N SER A 292 7.96 -19.64 -17.61
N SER A 292 7.95 -19.67 -17.67
CA SER A 292 6.80 -18.96 -18.21
CA SER A 292 6.82 -18.91 -18.25
C SER A 292 5.88 -18.49 -17.08
C SER A 292 5.88 -18.49 -17.11
N SER A 293 5.15 -17.40 -17.30
CA SER A 293 4.25 -16.83 -16.27
C SER A 293 3.20 -15.98 -16.96
N SER A 294 2.14 -15.64 -16.22
CA SER A 294 1.08 -14.76 -16.71
C SER A 294 1.61 -13.32 -16.78
N TRP A 295 2.82 -13.06 -16.28
CA TRP A 295 3.49 -11.75 -16.46
C TRP A 295 4.44 -11.75 -17.66
N GLY A 296 4.69 -12.88 -18.32
CA GLY A 296 5.80 -12.98 -19.29
C GLY A 296 6.81 -14.07 -18.93
N ASP A 297 7.67 -14.41 -19.88
CA ASP A 297 8.63 -15.54 -19.78
C ASP A 297 10.02 -14.97 -19.57
N GLY A 298 10.97 -15.83 -19.25
CA GLY A 298 12.31 -15.32 -18.94
C GLY A 298 13.26 -16.45 -18.65
N GLU A 299 14.50 -16.08 -18.43
CA GLU A 299 15.57 -17.00 -18.04
C GLU A 299 16.35 -16.30 -16.94
N ILE A 300 16.55 -16.98 -15.81
CA ILE A 300 17.32 -16.47 -14.64
C ILE A 300 18.55 -17.35 -14.43
N GLU A 301 19.70 -16.70 -14.24
CA GLU A 301 20.97 -17.32 -13.78
C GLU A 301 20.98 -17.22 -12.25
N SER A 302 20.57 -18.29 -11.56
CA SER A 302 20.61 -18.38 -10.09
C SER A 302 21.99 -18.86 -9.66
N HIS A 303 22.52 -18.24 -8.61
CA HIS A 303 23.82 -18.62 -7.98
C HIS A 303 23.53 -19.50 -6.76
N LEU A 304 22.30 -20.02 -6.66
CA LEU A 304 21.90 -20.93 -5.55
C LEU A 304 21.87 -22.37 -6.05
N MET A 305 22.10 -23.32 -5.15
CA MET A 305 22.26 -24.74 -5.51
C MET A 305 21.05 -25.58 -5.06
N GLY A 306 20.66 -26.54 -5.92
CA GLY A 306 19.64 -27.57 -5.64
C GLY A 306 18.25 -27.16 -6.11
N ALA A 307 17.35 -28.15 -6.16
CA ALA A 307 15.96 -28.04 -6.66
C ALA A 307 15.11 -27.18 -5.72
N PHE A 308 15.27 -27.38 -4.40
CA PHE A 308 14.49 -26.62 -3.38
C PHE A 308 14.78 -25.12 -3.52
N ASN A 309 16.02 -24.75 -3.80
CA ASN A 309 16.38 -23.32 -3.99
C ASN A 309 15.83 -22.78 -5.31
N VAL A 310 15.55 -23.63 -6.30
CA VAL A 310 14.81 -23.16 -7.52
C VAL A 310 13.39 -22.81 -7.07
N SER A 311 12.73 -23.71 -6.35
CA SER A 311 11.38 -23.49 -5.78
C SER A 311 11.33 -22.17 -5.01
N ASN A 312 12.23 -22.01 -4.04
CA ASN A 312 12.29 -20.82 -3.15
C ASN A 312 12.43 -19.54 -4.00
N LEU A 313 13.30 -19.56 -5.00
N LEU A 313 13.29 -19.58 -5.02
CA LEU A 313 13.51 -18.40 -5.90
CA LEU A 313 13.55 -18.45 -5.94
C LEU A 313 12.24 -18.13 -6.72
C LEU A 313 12.28 -18.14 -6.76
N LEU A 314 11.57 -19.16 -7.23
CA LEU A 314 10.36 -18.99 -8.06
C LEU A 314 9.24 -18.44 -7.17
N LEU A 315 9.17 -18.89 -5.91
CA LEU A 315 8.22 -18.29 -4.95
C LEU A 315 8.54 -16.81 -4.74
N ALA A 316 9.81 -16.42 -4.54
CA ALA A 316 10.16 -15.01 -4.32
C ALA A 316 9.77 -14.21 -5.55
N LEU A 317 10.05 -14.74 -6.74
CA LEU A 317 9.76 -14.03 -8.02
C LEU A 317 8.24 -13.83 -8.19
N ALA A 318 7.45 -14.89 -8.03
CA ALA A 318 5.98 -14.87 -8.19
C ALA A 318 5.43 -13.80 -7.24
N THR A 319 5.92 -13.78 -6.00
CA THR A 319 5.48 -12.81 -4.96
C THR A 319 5.72 -11.38 -5.46
N LEU A 320 6.94 -11.08 -5.91
CA LEU A 320 7.33 -9.70 -6.27
C LEU A 320 6.57 -9.29 -7.54
N LEU A 321 6.31 -10.24 -8.45
CA LEU A 321 5.50 -9.94 -9.68
C LEU A 321 4.06 -9.60 -9.25
N ALA A 322 3.53 -10.34 -8.27
CA ALA A 322 2.14 -10.21 -7.76
C ALA A 322 2.02 -8.84 -7.08
N LEU A 323 3.08 -8.38 -6.41
CA LEU A 323 3.10 -7.06 -5.74
C LEU A 323 3.35 -5.93 -6.76
N GLY A 324 3.60 -6.22 -8.03
CA GLY A 324 3.66 -5.18 -9.06
C GLY A 324 5.08 -4.80 -9.42
N TYR A 325 6.10 -5.52 -8.94
CA TYR A 325 7.49 -5.24 -9.36
C TYR A 325 7.63 -5.69 -10.80
N PRO A 326 8.13 -4.84 -11.72
CA PRO A 326 8.14 -5.21 -13.14
C PRO A 326 9.09 -6.39 -13.41
N LEU A 327 8.65 -7.35 -14.24
CA LEU A 327 9.44 -8.53 -14.66
C LEU A 327 10.84 -8.09 -15.15
N ALA A 328 10.95 -7.06 -16.00
CA ALA A 328 12.26 -6.70 -16.59
C ALA A 328 13.25 -6.29 -15.48
N ASP A 329 12.79 -5.57 -14.47
CA ASP A 329 13.68 -5.11 -13.36
C ASP A 329 14.07 -6.33 -12.51
N LEU A 330 13.12 -7.26 -12.24
CA LEU A 330 13.40 -8.51 -11.49
C LEU A 330 14.44 -9.37 -12.26
N LEU A 331 14.19 -9.65 -13.54
CA LEU A 331 15.16 -10.37 -14.42
C LEU A 331 16.55 -9.72 -14.33
N LYS A 332 16.64 -8.39 -14.40
CA LYS A 332 17.91 -7.65 -14.51
C LYS A 332 18.75 -7.77 -13.24
N THR A 333 18.14 -8.07 -12.10
CA THR A 333 18.81 -8.10 -10.78
C THR A 333 18.91 -9.53 -10.22
N ALA A 334 18.32 -10.51 -10.89
CA ALA A 334 18.31 -11.92 -10.42
C ALA A 334 19.72 -12.46 -10.14
N ALA A 335 20.71 -12.11 -10.95
CA ALA A 335 22.10 -12.66 -10.87
C ALA A 335 22.80 -12.14 -9.61
N ARG A 336 22.20 -11.19 -8.90
CA ARG A 336 22.84 -10.61 -7.69
C ARG A 336 22.29 -11.27 -6.44
N LEU A 337 21.25 -12.12 -6.58
CA LEU A 337 20.69 -12.87 -5.44
C LEU A 337 21.79 -13.82 -4.95
N GLN A 338 21.94 -13.85 -3.63
CA GLN A 338 23.03 -14.61 -2.96
C GLN A 338 22.43 -15.72 -2.11
N PRO A 339 23.17 -16.82 -1.91
CA PRO A 339 22.74 -17.85 -0.97
C PRO A 339 22.76 -17.36 0.47
N VAL A 340 21.97 -18.00 1.32
CA VAL A 340 22.11 -17.78 2.79
C VAL A 340 23.52 -18.29 3.10
N CYS A 341 24.35 -17.46 3.72
CA CYS A 341 25.76 -17.77 4.06
C CYS A 341 25.83 -19.20 4.63
N GLY A 342 26.72 -20.05 4.09
CA GLY A 342 26.94 -21.42 4.58
C GLY A 342 25.73 -22.30 4.38
N ARG A 343 24.79 -21.93 3.49
CA ARG A 343 23.69 -22.84 3.07
C ARG A 343 23.82 -23.15 1.58
N MET A 344 24.25 -24.38 1.27
CA MET A 344 24.55 -24.83 -0.11
C MET A 344 25.30 -23.72 -0.85
N GLU A 345 26.36 -23.18 -0.23
CA GLU A 345 27.05 -21.97 -0.73
C GLU A 345 28.19 -22.35 -1.68
N VAL A 346 28.10 -21.96 -2.94
CA VAL A 346 29.03 -22.44 -4.01
C VAL A 346 30.26 -21.54 -4.11
N PHE A 347 31.40 -22.19 -4.27
CA PHE A 347 32.70 -21.54 -4.57
C PHE A 347 33.24 -22.22 -5.82
N THR A 348 33.44 -21.45 -6.89
CA THR A 348 33.99 -22.00 -8.15
C THR A 348 35.24 -21.20 -8.52
N ALA A 349 36.14 -21.83 -9.24
CA ALA A 349 37.38 -21.18 -9.70
C ALA A 349 37.67 -21.75 -11.06
N PRO A 350 38.31 -20.92 -11.93
CA PRO A 350 38.90 -21.38 -13.18
C PRO A 350 39.59 -22.74 -12.98
N GLY A 351 39.06 -23.77 -13.65
CA GLY A 351 39.67 -25.12 -13.75
C GLY A 351 39.97 -25.75 -12.41
N LYS A 352 39.09 -25.55 -11.42
CA LYS A 352 39.13 -26.21 -10.08
C LYS A 352 37.79 -26.91 -9.90
N PRO A 353 37.68 -27.90 -9.00
CA PRO A 353 36.40 -28.54 -8.71
C PRO A 353 35.39 -27.51 -8.17
N THR A 354 34.09 -27.76 -8.29
CA THR A 354 33.06 -26.92 -7.63
C THR A 354 33.07 -27.29 -6.15
N VAL A 355 33.02 -26.32 -5.25
CA VAL A 355 33.03 -26.66 -3.80
C VAL A 355 31.81 -26.01 -3.17
N VAL A 356 31.00 -26.79 -2.47
CA VAL A 356 29.80 -26.27 -1.75
C VAL A 356 30.09 -26.35 -0.26
N VAL A 357 29.90 -25.24 0.46
CA VAL A 357 29.95 -25.21 1.94
C VAL A 357 28.51 -25.23 2.45
N ASP A 358 28.15 -26.23 3.26
CA ASP A 358 26.79 -26.32 3.86
C ASP A 358 26.89 -26.70 5.33
N TYR A 359 26.00 -26.14 6.15
CA TYR A 359 26.00 -26.37 7.62
C TYR A 359 25.50 -27.77 7.95
N ALA A 360 25.02 -28.58 6.99
CA ALA A 360 24.35 -29.89 7.30
C ALA A 360 25.14 -30.64 8.38
N HIS A 361 24.55 -30.87 9.57
CA HIS A 361 25.19 -31.64 10.68
C HIS A 361 24.23 -32.72 11.23
N THR A 362 23.27 -33.19 10.45
CA THR A 362 22.36 -34.32 10.83
C THR A 362 22.25 -35.27 9.64
N PRO A 363 21.84 -36.54 9.83
CA PRO A 363 21.66 -37.46 8.72
C PRO A 363 20.74 -36.90 7.62
N ASP A 364 19.61 -36.34 8.02
CA ASP A 364 18.59 -35.81 7.06
C ASP A 364 19.19 -34.62 6.30
N ALA A 365 19.82 -33.67 6.98
CA ALA A 365 20.37 -32.45 6.34
C ALA A 365 21.51 -32.84 5.38
N LEU A 366 22.37 -33.79 5.80
CA LEU A 366 23.47 -34.31 4.96
C LEU A 366 22.92 -34.93 3.69
N GLU A 367 21.94 -35.83 3.81
CA GLU A 367 21.31 -36.49 2.64
C GLU A 367 20.78 -35.41 1.68
N LYS A 368 20.01 -34.44 2.17
CA LYS A 368 19.41 -33.38 1.31
C LYS A 368 20.53 -32.58 0.63
N ALA A 369 21.57 -32.25 1.37
CA ALA A 369 22.69 -31.43 0.84
C ALA A 369 23.39 -32.22 -0.29
N LEU A 370 23.58 -33.55 -0.10
CA LEU A 370 24.27 -34.39 -1.12
C LEU A 370 23.37 -34.55 -2.35
N GLN A 371 22.07 -34.78 -2.12
CA GLN A 371 21.10 -34.91 -3.24
C GLN A 371 21.06 -33.62 -4.06
N ALA A 372 21.06 -32.44 -3.41
CA ALA A 372 21.16 -31.10 -4.05
C ALA A 372 22.47 -30.96 -4.86
N ALA A 373 23.61 -31.22 -4.22
CA ALA A 373 24.95 -31.13 -4.84
C ALA A 373 25.04 -32.03 -6.08
N ARG A 374 24.52 -33.24 -5.99
CA ARG A 374 24.56 -34.26 -7.08
C ARG A 374 23.98 -33.68 -8.39
N LEU A 375 22.93 -32.87 -8.31
CA LEU A 375 22.24 -32.33 -9.52
C LEU A 375 23.25 -31.52 -10.33
N HIS A 376 24.24 -30.89 -9.67
CA HIS A 376 25.20 -29.94 -10.27
C HIS A 376 26.50 -30.67 -10.69
N CYS A 377 26.57 -31.98 -10.49
CA CYS A 377 27.81 -32.79 -10.46
C CYS A 377 27.88 -33.72 -11.70
N ALA A 378 28.70 -33.38 -12.69
CA ALA A 378 28.93 -34.18 -13.91
C ALA A 378 29.97 -35.27 -13.61
N GLY A 379 30.94 -35.00 -12.73
CA GLY A 379 31.93 -36.01 -12.30
C GLY A 379 31.56 -36.73 -11.03
N LYS A 380 32.51 -36.72 -10.08
CA LYS A 380 32.41 -37.38 -8.75
C LYS A 380 31.96 -36.38 -7.69
N LEU A 381 31.04 -36.81 -6.82
CA LEU A 381 30.65 -36.05 -5.63
C LEU A 381 31.48 -36.51 -4.42
N TRP A 382 32.23 -35.57 -3.85
CA TRP A 382 33.02 -35.75 -2.61
C TRP A 382 32.24 -35.17 -1.44
N CYS A 383 32.32 -35.82 -0.29
CA CYS A 383 31.71 -35.35 0.96
C CYS A 383 32.76 -35.32 2.08
N VAL A 384 33.18 -34.12 2.49
CA VAL A 384 34.11 -33.90 3.62
C VAL A 384 33.26 -33.56 4.84
N PHE A 385 33.35 -34.35 5.90
CA PHE A 385 32.53 -34.11 7.09
C PHE A 385 33.11 -34.86 8.28
N GLY A 386 32.59 -34.49 9.44
CA GLY A 386 32.82 -35.17 10.73
C GLY A 386 31.63 -34.90 11.62
N CYS A 387 31.76 -35.26 12.88
CA CYS A 387 30.70 -35.13 13.92
C CYS A 387 31.30 -34.58 15.21
N GLY A 388 30.47 -33.83 15.93
CA GLY A 388 30.91 -33.07 17.11
C GLY A 388 31.23 -34.03 18.23
N GLY A 389 32.27 -33.73 18.99
CA GLY A 389 32.63 -34.54 20.16
C GLY A 389 31.81 -34.13 21.38
N ASP A 390 31.74 -35.01 22.38
CA ASP A 390 31.02 -34.76 23.66
C ASP A 390 29.56 -34.40 23.39
N ARG A 391 28.94 -35.02 22.39
CA ARG A 391 27.52 -34.82 22.00
C ARG A 391 26.95 -36.19 21.66
N ASP A 392 25.69 -36.24 21.22
CA ASP A 392 25.01 -37.54 20.95
C ASP A 392 25.70 -38.28 19.82
N LYS A 393 26.05 -39.54 20.10
CA LYS A 393 26.90 -40.39 19.25
C LYS A 393 26.03 -41.02 18.18
N GLY A 394 24.70 -41.00 18.38
CA GLY A 394 23.71 -41.73 17.58
C GLY A 394 23.79 -41.38 16.11
N LYS A 395 23.97 -40.09 15.78
CA LYS A 395 23.98 -39.62 14.37
C LYS A 395 25.23 -40.14 13.63
N ARG A 396 26.30 -40.54 14.32
CA ARG A 396 27.64 -40.76 13.68
C ARG A 396 27.56 -41.87 12.64
N PRO A 397 27.14 -43.11 13.00
CA PRO A 397 27.01 -44.17 12.00
C PRO A 397 25.99 -43.85 10.90
N LEU A 398 24.92 -43.12 11.26
CA LEU A 398 23.82 -42.71 10.33
C LEU A 398 24.39 -41.74 9.29
N MET A 399 25.23 -40.80 9.71
CA MET A 399 25.89 -39.86 8.74
C MET A 399 26.97 -40.58 7.92
N GLY A 400 27.71 -41.52 8.53
CA GLY A 400 28.53 -42.44 7.73
C GLY A 400 27.77 -43.09 6.58
N ALA A 401 26.63 -43.72 6.88
CA ALA A 401 25.86 -44.54 5.90
C ALA A 401 25.38 -43.64 4.76
N ILE A 402 24.91 -42.43 5.09
CA ILE A 402 24.47 -41.37 4.14
C ILE A 402 25.63 -40.94 3.24
N ALA A 403 26.80 -40.60 3.79
CA ALA A 403 27.99 -40.19 2.98
C ALA A 403 28.38 -41.29 2.00
N GLU A 404 28.43 -42.55 2.46
CA GLU A 404 28.73 -43.73 1.61
C GLU A 404 27.68 -43.87 0.49
N GLU A 405 26.39 -43.73 0.81
CA GLU A 405 25.35 -43.93 -0.24
C GLU A 405 25.30 -42.76 -1.25
N PHE A 406 25.28 -41.50 -0.77
CA PHE A 406 24.85 -40.33 -1.58
C PHE A 406 26.08 -39.60 -2.15
N ALA A 407 27.30 -39.94 -1.70
CA ALA A 407 28.52 -39.41 -2.32
C ALA A 407 29.29 -40.55 -2.96
N ASP A 408 30.21 -40.21 -3.86
CA ASP A 408 31.15 -41.16 -4.51
C ASP A 408 32.39 -41.31 -3.65
N VAL A 409 32.80 -40.25 -2.96
CA VAL A 409 34.00 -40.32 -2.06
C VAL A 409 33.65 -39.64 -0.74
N ALA A 410 33.68 -40.38 0.35
CA ALA A 410 33.52 -39.88 1.73
C ALA A 410 34.91 -39.53 2.26
N VAL A 411 35.15 -38.26 2.59
CA VAL A 411 36.37 -37.90 3.38
C VAL A 411 35.95 -37.62 4.84
N VAL A 412 36.23 -38.51 5.77
CA VAL A 412 35.82 -38.36 7.20
C VAL A 412 36.95 -37.65 7.92
N THR A 413 36.61 -36.55 8.56
CA THR A 413 37.60 -35.71 9.27
C THR A 413 36.99 -35.28 10.59
N ASP A 414 37.58 -34.26 11.20
CA ASP A 414 37.20 -33.74 12.54
C ASP A 414 36.23 -32.58 12.34
N ASP A 415 35.30 -32.43 13.28
CA ASP A 415 34.36 -31.29 13.38
C ASP A 415 34.06 -31.02 14.86
N ASN A 416 34.79 -30.10 15.48
CA ASN A 416 34.62 -29.77 16.92
C ASN A 416 34.67 -31.04 17.75
N PRO A 417 35.81 -31.77 17.79
CA PRO A 417 35.92 -32.97 18.62
C PRO A 417 35.90 -32.63 20.12
N ARG A 418 36.13 -31.36 20.50
CA ARG A 418 36.05 -30.91 21.91
C ARG A 418 37.02 -31.78 22.70
N THR A 419 36.61 -32.46 23.79
CA THR A 419 37.55 -33.20 24.68
C THR A 419 37.62 -34.67 24.25
N GLU A 420 36.74 -35.10 23.32
CA GLU A 420 36.63 -36.51 22.90
C GLU A 420 37.81 -36.87 21.98
N GLU A 421 38.39 -38.04 22.19
CA GLU A 421 39.43 -38.60 21.30
C GLU A 421 38.98 -38.47 19.83
N PRO A 422 39.63 -37.62 19.00
CA PRO A 422 39.08 -37.34 17.68
C PRO A 422 38.83 -38.61 16.85
N ARG A 423 39.77 -39.56 16.85
CA ARG A 423 39.69 -40.79 16.03
C ARG A 423 38.53 -41.70 16.49
N ALA A 424 38.17 -41.71 17.76
CA ALA A 424 37.00 -42.45 18.29
C ALA A 424 35.74 -42.00 17.55
N ILE A 425 35.65 -40.69 17.32
CA ILE A 425 34.47 -40.10 16.61
C ILE A 425 34.47 -40.65 15.19
N ILE A 426 35.61 -40.63 14.53
CA ILE A 426 35.76 -41.14 13.14
C ILE A 426 35.39 -42.62 13.11
N ASN A 427 35.81 -43.40 14.09
CA ASN A 427 35.46 -44.85 14.16
C ASN A 427 33.95 -45.04 14.18
N ASP A 428 33.21 -44.23 14.98
CA ASP A 428 31.74 -44.34 15.13
C ASP A 428 31.08 -44.07 13.79
N ILE A 429 31.65 -43.12 13.04
CA ILE A 429 31.14 -42.75 11.70
C ILE A 429 31.37 -43.94 10.77
N LEU A 430 32.61 -44.44 10.71
CA LEU A 430 33.01 -45.56 9.81
C LEU A 430 32.17 -46.82 10.07
N ALA A 431 31.81 -47.06 11.33
CA ALA A 431 31.05 -48.24 11.80
C ALA A 431 29.67 -48.28 11.12
N GLY A 432 29.16 -47.13 10.66
CA GLY A 432 27.85 -47.09 9.98
C GLY A 432 27.91 -47.45 8.50
N MET A 433 29.10 -47.56 7.94
CA MET A 433 29.33 -47.87 6.50
C MET A 433 29.40 -49.38 6.29
N LEU A 434 28.94 -49.80 5.10
CA LEU A 434 29.09 -51.17 4.53
C LEU A 434 30.57 -51.43 4.23
N ASP A 435 31.26 -50.44 3.68
CA ASP A 435 32.68 -50.60 3.30
C ASP A 435 33.46 -49.37 3.78
N ALA A 436 33.77 -49.38 5.08
CA ALA A 436 34.60 -48.37 5.78
C ALA A 436 35.92 -48.18 5.02
N GLY A 437 36.48 -49.27 4.48
CA GLY A 437 37.74 -49.27 3.72
C GLY A 437 37.73 -48.33 2.52
N HIS A 438 36.56 -48.06 1.95
CA HIS A 438 36.35 -47.12 0.81
C HIS A 438 36.39 -45.65 1.26
N ALA A 439 36.05 -45.31 2.51
CA ALA A 439 36.15 -43.93 3.04
C ALA A 439 37.62 -43.50 3.14
N LYS A 440 37.92 -42.25 2.80
CA LYS A 440 39.23 -41.60 3.09
C LYS A 440 39.11 -40.98 4.47
N VAL A 441 40.02 -41.26 5.38
CA VAL A 441 40.05 -40.57 6.69
C VAL A 441 41.23 -39.59 6.63
N MET A 442 41.03 -38.35 7.04
CA MET A 442 42.16 -37.41 7.18
C MET A 442 41.82 -36.46 8.30
N GLU A 443 42.72 -36.40 9.28
CA GLU A 443 42.65 -35.51 10.44
C GLU A 443 43.68 -34.38 10.26
N GLY A 444 43.35 -33.30 10.97
CA GLY A 444 43.23 -31.94 10.47
C GLY A 444 42.02 -31.86 9.55
N ARG A 445 40.98 -31.12 9.95
CA ARG A 445 39.90 -30.70 9.00
C ARG A 445 40.47 -29.92 7.81
N ALA A 446 41.32 -28.93 8.06
CA ALA A 446 41.91 -28.11 6.96
C ALA A 446 42.62 -29.03 5.95
N GLU A 447 43.35 -30.02 6.44
CA GLU A 447 44.09 -31.00 5.58
C GLU A 447 43.10 -31.86 4.76
N ALA A 448 41.99 -32.26 5.36
CA ALA A 448 40.93 -33.11 4.74
C ALA A 448 40.24 -32.33 3.65
N VAL A 449 39.92 -31.08 3.91
CA VAL A 449 39.34 -30.17 2.88
C VAL A 449 40.37 -30.04 1.74
N THR A 450 41.62 -29.75 2.08
CA THR A 450 42.65 -29.58 1.04
C THR A 450 42.74 -30.84 0.18
N CYS A 451 42.79 -32.01 0.82
CA CYS A 451 42.92 -33.32 0.16
C CYS A 451 41.82 -33.49 -0.90
N ALA A 452 40.56 -33.24 -0.53
CA ALA A 452 39.38 -33.29 -1.43
C ALA A 452 39.56 -32.31 -2.58
N VAL A 453 39.82 -31.06 -2.24
CA VAL A 453 39.78 -29.96 -3.23
C VAL A 453 40.95 -30.16 -4.22
N MET A 454 42.12 -30.55 -3.73
CA MET A 454 43.34 -30.68 -4.58
C MET A 454 43.32 -31.96 -5.40
N GLN A 455 42.59 -33.01 -5.01
CA GLN A 455 42.51 -34.31 -5.73
C GLN A 455 41.28 -34.35 -6.66
N ALA A 456 40.24 -33.57 -6.37
CA ALA A 456 38.99 -33.64 -7.15
C ALA A 456 39.26 -33.17 -8.59
N LYS A 457 38.57 -33.75 -9.57
CA LYS A 457 38.66 -33.31 -11.00
C LYS A 457 37.92 -31.99 -11.17
N GLU A 458 37.96 -31.44 -12.39
CA GLU A 458 37.43 -30.09 -12.73
C GLU A 458 35.89 -30.12 -12.67
N ASN A 459 35.28 -31.25 -12.97
CA ASN A 459 33.81 -31.40 -13.11
C ASN A 459 33.26 -32.20 -11.92
N ASP A 460 34.08 -32.35 -10.89
CA ASP A 460 33.67 -32.96 -9.60
C ASP A 460 33.08 -31.84 -8.76
N VAL A 461 32.37 -32.27 -7.73
CA VAL A 461 31.76 -31.36 -6.73
C VAL A 461 32.22 -31.87 -5.36
N VAL A 462 32.75 -30.99 -4.53
CA VAL A 462 33.11 -31.32 -3.13
C VAL A 462 32.14 -30.64 -2.19
N LEU A 463 31.40 -31.41 -1.41
CA LEU A 463 30.52 -30.84 -0.37
C LEU A 463 31.32 -30.87 0.94
N VAL A 464 31.55 -29.70 1.53
CA VAL A 464 32.18 -29.54 2.87
C VAL A 464 31.04 -29.25 3.84
N ALA A 465 30.64 -30.25 4.61
CA ALA A 465 29.40 -30.22 5.44
C ALA A 465 29.74 -30.07 6.91
N GLY A 466 28.84 -29.41 7.67
CA GLY A 466 28.85 -29.47 9.14
C GLY A 466 29.02 -28.12 9.80
N LYS A 467 29.56 -27.13 9.11
CA LYS A 467 29.97 -25.84 9.75
C LYS A 467 29.26 -24.66 9.08
N GLY A 468 29.02 -24.73 7.78
CA GLY A 468 28.40 -23.62 7.05
C GLY A 468 29.13 -22.32 7.35
N HIS A 469 28.51 -21.46 8.16
CA HIS A 469 28.92 -20.05 8.41
C HIS A 469 29.88 -19.98 9.61
N GLU A 470 29.98 -21.04 10.39
CA GLU A 470 30.73 -21.03 11.67
C GLU A 470 32.22 -20.85 11.36
N ASP A 471 32.92 -20.12 12.21
CA ASP A 471 34.30 -19.64 11.95
C ASP A 471 35.24 -20.17 13.04
N TYR A 472 34.97 -21.37 13.57
CA TYR A 472 35.75 -21.95 14.70
C TYR A 472 35.73 -23.49 14.63
N GLN A 473 36.82 -24.08 15.17
CA GLN A 473 37.04 -25.54 15.35
C GLN A 473 37.32 -25.72 16.86
N ILE A 474 36.38 -26.32 17.61
CA ILE A 474 36.62 -26.53 19.06
C ILE A 474 37.43 -27.82 19.21
N VAL A 475 38.71 -27.69 19.54
CA VAL A 475 39.66 -28.80 19.88
C VAL A 475 40.03 -28.64 21.36
N GLY A 476 39.62 -29.59 22.20
CA GLY A 476 39.71 -29.48 23.67
C GLY A 476 38.70 -28.47 24.16
N ASN A 477 39.18 -27.41 24.83
CA ASN A 477 38.37 -26.28 25.32
C ASN A 477 38.68 -25.04 24.46
N GLN A 478 39.60 -25.16 23.50
CA GLN A 478 40.07 -24.05 22.62
C GLN A 478 39.10 -23.88 21.45
N ARG A 479 38.65 -22.66 21.23
CA ARG A 479 37.81 -22.23 20.09
C ARG A 479 38.77 -21.64 19.05
N LEU A 480 39.39 -22.50 18.24
CA LEU A 480 40.49 -22.12 17.31
C LEU A 480 39.91 -21.40 16.07
N ASP A 481 40.65 -20.42 15.55
CA ASP A 481 40.31 -19.69 14.30
C ASP A 481 40.38 -20.68 13.14
N TYR A 482 39.23 -21.00 12.56
CA TYR A 482 39.09 -21.93 11.43
C TYR A 482 37.76 -21.65 10.70
N SER A 483 37.84 -21.46 9.39
CA SER A 483 36.62 -21.35 8.55
C SER A 483 36.73 -22.29 7.35
N ASP A 484 35.72 -23.11 7.13
CA ASP A 484 35.58 -23.90 5.88
C ASP A 484 35.54 -22.94 4.67
N ARG A 485 34.73 -21.88 4.76
CA ARG A 485 34.55 -20.87 3.68
C ARG A 485 35.92 -20.28 3.30
N VAL A 486 36.71 -19.90 4.31
CA VAL A 486 38.05 -19.26 4.15
C VAL A 486 39.03 -20.31 3.61
N THR A 487 39.02 -21.53 4.14
CA THR A 487 39.94 -22.59 3.67
C THR A 487 39.68 -22.85 2.18
N VAL A 488 38.40 -22.99 1.84
CA VAL A 488 37.93 -23.33 0.47
C VAL A 488 38.30 -22.16 -0.45
N ALA A 489 37.94 -20.94 -0.07
CA ALA A 489 38.21 -19.70 -0.86
C ALA A 489 39.71 -19.62 -1.16
N ARG A 490 40.56 -19.75 -0.13
CA ARG A 490 42.03 -19.69 -0.24
C ARG A 490 42.53 -20.78 -1.21
N LEU A 491 42.06 -22.03 -1.11
CA LEU A 491 42.46 -23.13 -2.02
C LEU A 491 42.01 -22.87 -3.45
N LEU A 492 40.87 -22.22 -3.66
CA LEU A 492 40.35 -21.99 -5.03
C LEU A 492 40.97 -20.73 -5.67
N GLY A 493 41.61 -19.87 -4.89
CA GLY A 493 42.23 -18.63 -5.38
C GLY A 493 41.22 -17.50 -5.42
N VAL A 494 40.22 -17.53 -4.52
CA VAL A 494 39.11 -16.53 -4.50
C VAL A 494 39.00 -15.98 -3.08
N ILE A 495 38.01 -15.12 -2.84
CA ILE A 495 37.82 -14.34 -1.58
C ILE A 495 36.52 -14.84 -0.94
N ALA A 496 36.58 -15.29 0.32
CA ALA A 496 35.40 -15.63 1.16
C ALA A 496 34.74 -14.33 1.63
N ARG B 5 17.19 8.32 -15.02
CA ARG B 5 16.30 8.28 -16.21
C ARG B 5 17.13 7.97 -17.46
N ASN B 6 16.86 6.82 -18.09
CA ASN B 6 17.56 6.36 -19.30
C ASN B 6 16.56 5.71 -20.25
N LEU B 7 16.63 6.04 -21.53
CA LEU B 7 15.75 5.50 -22.58
C LEU B 7 15.68 3.96 -22.46
N ARG B 8 16.82 3.30 -22.22
CA ARG B 8 16.90 1.82 -22.23
C ARG B 8 16.11 1.26 -21.04
N ASP B 9 16.39 1.77 -19.84
CA ASP B 9 15.65 1.38 -18.60
C ASP B 9 14.16 1.75 -18.74
N LEU B 10 13.86 2.96 -19.24
CA LEU B 10 12.46 3.43 -19.48
C LEU B 10 11.68 2.34 -20.24
N LEU B 11 12.25 1.78 -21.30
CA LEU B 11 11.50 0.94 -22.29
C LEU B 11 11.72 -0.57 -22.08
N ALA B 12 12.56 -0.97 -21.12
CA ALA B 12 12.93 -2.37 -20.83
C ALA B 12 11.70 -3.29 -20.73
N PRO B 13 10.56 -2.85 -20.15
CA PRO B 13 9.37 -3.70 -20.12
C PRO B 13 8.78 -4.06 -21.49
N TRP B 14 9.04 -3.23 -22.51
CA TRP B 14 8.36 -3.30 -23.84
C TRP B 14 9.38 -3.48 -24.98
N VAL B 15 10.51 -2.76 -24.97
CA VAL B 15 11.52 -2.75 -26.07
C VAL B 15 12.86 -3.18 -25.50
N PRO B 16 13.24 -4.47 -25.61
CA PRO B 16 14.44 -4.99 -24.94
C PRO B 16 15.78 -4.44 -25.47
N ASP B 17 15.85 -4.01 -26.74
CA ASP B 17 17.15 -3.66 -27.38
C ASP B 17 17.31 -2.14 -27.48
N ALA B 18 16.59 -1.36 -26.66
CA ALA B 18 16.55 0.11 -26.80
C ALA B 18 17.91 0.68 -26.38
N PRO B 19 18.52 1.61 -27.16
CA PRO B 19 19.82 2.17 -26.81
C PRO B 19 19.79 2.95 -25.49
N SER B 20 20.93 3.00 -24.79
CA SER B 20 21.16 3.84 -23.59
C SER B 20 21.30 5.31 -23.98
N ARG B 21 20.43 6.17 -23.45
CA ARG B 21 20.56 7.65 -23.46
C ARG B 21 19.98 8.20 -22.16
N ALA B 22 20.80 8.90 -21.36
CA ALA B 22 20.35 9.71 -20.21
C ALA B 22 19.27 10.67 -20.72
N LEU B 23 18.22 10.84 -19.92
CA LEU B 23 17.03 11.64 -20.27
C LEU B 23 16.76 12.63 -19.15
N ARG B 24 16.48 13.88 -19.53
CA ARG B 24 16.19 15.01 -18.64
C ARG B 24 14.68 14.99 -18.34
N GLU B 25 13.85 15.64 -19.15
CA GLU B 25 12.38 15.71 -18.92
C GLU B 25 11.64 14.98 -20.05
N MET B 26 10.35 14.74 -19.84
CA MET B 26 9.46 14.08 -20.84
C MET B 26 8.42 15.11 -21.28
N THR B 27 8.35 15.45 -22.57
CA THR B 27 7.39 16.48 -23.08
C THR B 27 6.71 16.02 -24.38
N LEU B 28 5.43 16.35 -24.54
CA LEU B 28 4.64 16.26 -25.80
C LEU B 28 4.82 17.52 -26.66
N ASP B 29 5.47 18.56 -26.11
CA ASP B 29 5.54 19.90 -26.75
C ASP B 29 6.93 20.13 -27.35
N SER B 30 7.03 20.01 -28.68
CA SER B 30 8.24 20.31 -29.49
C SER B 30 8.79 21.70 -29.15
N ARG B 31 7.92 22.62 -28.73
CA ARG B 31 8.27 24.04 -28.49
C ARG B 31 9.07 24.17 -27.19
N VAL B 32 8.91 23.25 -26.23
CA VAL B 32 9.69 23.30 -24.94
C VAL B 32 10.72 22.16 -24.91
N ALA B 33 10.60 21.19 -25.82
CA ALA B 33 11.57 20.08 -25.97
C ALA B 33 12.99 20.66 -25.99
N ALA B 34 13.70 20.54 -24.86
CA ALA B 34 15.05 21.10 -24.61
C ALA B 34 16.12 20.01 -24.76
N ALA B 35 17.40 20.42 -24.74
CA ALA B 35 18.59 19.53 -24.78
C ALA B 35 18.47 18.42 -23.73
N GLY B 36 18.62 17.16 -24.15
CA GLY B 36 18.61 16.02 -23.23
C GLY B 36 17.20 15.49 -22.94
N ASP B 37 16.16 16.07 -23.55
CA ASP B 37 14.75 15.72 -23.25
C ASP B 37 14.34 14.46 -24.01
N LEU B 38 13.25 13.84 -23.55
CA LEU B 38 12.47 12.84 -24.30
C LEU B 38 11.27 13.57 -24.88
N PHE B 39 11.22 13.67 -26.20
CA PHE B 39 10.04 14.19 -26.95
C PHE B 39 9.17 12.98 -27.30
N VAL B 40 7.88 13.12 -27.09
CA VAL B 40 6.91 12.05 -27.39
C VAL B 40 5.98 12.61 -28.47
N ALA B 41 5.99 11.98 -29.65
CA ALA B 41 5.26 12.43 -30.84
C ALA B 41 3.98 11.60 -30.96
N VAL B 42 2.83 12.20 -30.62
CA VAL B 42 1.53 11.51 -30.51
C VAL B 42 0.58 12.08 -31.58
N VAL B 43 -0.38 11.27 -32.02
CA VAL B 43 -1.42 11.63 -33.02
C VAL B 43 -2.74 11.82 -32.26
N GLY B 44 -3.33 13.01 -32.31
CA GLY B 44 -4.65 13.35 -31.70
C GLY B 44 -5.65 13.84 -32.73
N ALA B 47 -4.17 16.87 -34.73
CA ALA B 47 -2.74 17.14 -34.98
C ALA B 47 -1.90 15.87 -34.81
N ASP B 48 -0.76 15.83 -35.51
CA ASP B 48 0.21 14.70 -35.53
C ASP B 48 1.60 15.23 -35.10
N GLY B 49 1.99 14.97 -33.85
CA GLY B 49 3.27 15.43 -33.26
C GLY B 49 4.47 14.91 -34.03
N ARG B 50 4.34 13.84 -34.83
CA ARG B 50 5.49 13.31 -35.62
C ARG B 50 5.97 14.36 -36.63
N ARG B 51 5.08 15.27 -37.05
CA ARG B 51 5.41 16.45 -37.90
C ARG B 51 6.48 17.33 -37.24
N TYR B 52 6.60 17.33 -35.91
CA TYR B 52 7.51 18.24 -35.16
C TYR B 52 8.78 17.53 -34.73
N ILE B 53 9.07 16.37 -35.33
CA ILE B 53 10.30 15.56 -35.04
C ILE B 53 11.53 16.36 -35.44
N PRO B 54 11.57 16.96 -36.66
CA PRO B 54 12.72 17.77 -37.07
C PRO B 54 13.04 18.85 -36.02
N GLN B 55 12.04 19.65 -35.64
CA GLN B 55 12.20 20.73 -34.63
C GLN B 55 12.85 20.14 -33.38
N ALA B 56 12.26 19.08 -32.80
CA ALA B 56 12.73 18.47 -31.54
C ALA B 56 14.22 18.08 -31.69
N ILE B 57 14.59 17.38 -32.76
CA ILE B 57 16.02 17.01 -33.02
C ILE B 57 16.87 18.28 -33.09
N ALA B 58 16.38 19.33 -33.78
CA ALA B 58 17.13 20.59 -34.00
C ALA B 58 17.32 21.31 -32.67
N GLN B 59 16.44 21.04 -31.69
CA GLN B 59 16.55 21.59 -30.32
C GLN B 59 17.31 20.60 -29.42
N GLY B 60 17.83 19.51 -29.99
CA GLY B 60 18.80 18.61 -29.32
C GLY B 60 18.17 17.69 -28.27
N VAL B 61 16.96 17.19 -28.49
CA VAL B 61 16.37 16.13 -27.59
C VAL B 61 17.28 14.89 -27.61
N ALA B 62 17.50 14.25 -26.46
CA ALA B 62 18.25 12.98 -26.36
C ALA B 62 17.51 11.83 -27.08
N ALA B 63 16.17 11.81 -27.16
CA ALA B 63 15.45 10.66 -27.75
C ALA B 63 13.98 10.98 -28.04
N ILE B 64 13.39 10.22 -28.95
CA ILE B 64 11.98 10.40 -29.36
C ILE B 64 11.30 9.04 -29.27
N ILE B 65 10.08 9.03 -28.75
CA ILE B 65 9.10 7.92 -28.85
C ILE B 65 7.94 8.45 -29.70
N ALA B 66 7.55 7.72 -30.74
CA ALA B 66 6.62 8.19 -31.77
C ALA B 66 5.52 7.15 -32.00
N GLU B 67 4.33 7.64 -32.33
CA GLU B 67 3.19 6.81 -32.80
C GLU B 67 3.65 6.00 -34.02
N ALA B 68 3.45 4.68 -33.99
CA ALA B 68 3.92 3.73 -35.05
C ALA B 68 2.95 3.70 -36.23
N LYS B 69 1.73 4.22 -36.07
CA LYS B 69 0.58 4.06 -37.01
C LYS B 69 0.96 4.55 -38.42
N ASP B 70 0.93 3.63 -39.39
CA ASP B 70 1.12 3.84 -40.86
C ASP B 70 2.60 4.05 -41.23
N GLU B 71 3.54 3.98 -40.28
CA GLU B 71 4.92 4.52 -40.46
C GLU B 71 5.96 3.50 -40.02
N ALA B 72 5.69 2.70 -38.98
CA ALA B 72 6.64 1.72 -38.42
C ALA B 72 5.88 0.59 -37.73
N THR B 73 6.59 -0.48 -37.38
CA THR B 73 6.07 -1.61 -36.55
C THR B 73 6.21 -1.23 -35.06
N ASP B 74 5.43 -1.87 -34.18
CA ASP B 74 5.46 -1.64 -32.71
C ASP B 74 6.85 -1.98 -32.20
N GLY B 75 7.52 -1.04 -31.54
CA GLY B 75 8.87 -1.26 -30.97
C GLY B 75 9.97 -1.12 -32.02
N GLU B 76 9.68 -0.57 -33.19
CA GLU B 76 10.75 -0.39 -34.22
C GLU B 76 11.71 0.67 -33.68
N ILE B 77 13.02 0.38 -33.64
CA ILE B 77 14.09 1.35 -33.24
C ILE B 77 14.70 1.96 -34.51
N ARG B 78 14.48 3.26 -34.73
CA ARG B 78 15.12 4.03 -35.82
C ARG B 78 16.04 5.10 -35.20
N GLU B 79 16.73 5.84 -36.06
CA GLU B 79 17.73 6.86 -35.68
C GLU B 79 17.69 7.94 -36.76
N MET B 80 17.56 9.20 -36.35
CA MET B 80 17.51 10.39 -37.24
C MET B 80 18.47 11.44 -36.67
N HIS B 81 19.56 11.73 -37.39
CA HIS B 81 20.64 12.68 -37.03
C HIS B 81 21.26 12.34 -35.67
N GLY B 82 21.42 11.04 -35.36
CA GLY B 82 22.09 10.56 -34.13
C GLY B 82 21.13 10.42 -32.95
N VAL B 83 19.84 10.66 -33.14
CA VAL B 83 18.81 10.63 -32.06
C VAL B 83 17.95 9.39 -32.24
N PRO B 84 17.90 8.46 -31.26
CA PRO B 84 16.99 7.31 -31.33
C PRO B 84 15.54 7.77 -31.44
N VAL B 85 14.81 7.20 -32.38
CA VAL B 85 13.33 7.37 -32.53
C VAL B 85 12.75 5.97 -32.41
N ILE B 86 11.98 5.71 -31.34
CA ILE B 86 11.34 4.39 -31.08
C ILE B 86 9.84 4.53 -31.30
N TYR B 87 9.31 3.69 -32.19
CA TYR B 87 7.88 3.73 -32.58
C TYR B 87 7.11 2.74 -31.71
N LEU B 88 5.94 3.18 -31.23
CA LEU B 88 5.02 2.33 -30.41
C LEU B 88 3.62 2.45 -31.00
N SER B 89 2.96 1.32 -31.20
N SER B 89 2.96 1.32 -31.20
CA SER B 89 1.52 1.24 -31.54
C SER B 89 0.71 1.63 -30.29
N GLN B 90 -0.50 2.18 -30.46
CA GLN B 90 -1.40 2.58 -29.37
C GLN B 90 -0.66 3.46 -28.36
N LEU B 91 0.10 4.44 -28.83
CA LEU B 91 0.94 5.29 -27.95
C LEU B 91 0.02 6.09 -27.01
N ASN B 92 -1.14 6.57 -27.49
CA ASN B 92 -2.09 7.34 -26.64
C ASN B 92 -2.52 6.47 -25.44
N GLU B 93 -2.75 5.17 -25.69
CA GLU B 93 -3.25 4.21 -24.70
C GLU B 93 -2.12 3.90 -23.69
N ARG B 94 -0.87 3.89 -24.14
CA ARG B 94 0.29 3.41 -23.35
C ARG B 94 1.03 4.58 -22.68
N LEU B 95 0.65 5.80 -23.01
CA LEU B 95 1.37 7.02 -22.54
C LEU B 95 1.43 7.08 -21.01
N SER B 96 0.31 6.81 -20.35
CA SER B 96 0.23 6.86 -18.88
C SER B 96 1.23 5.88 -18.27
N ALA B 97 1.33 4.65 -18.80
CA ALA B 97 2.29 3.63 -18.31
C ALA B 97 3.72 4.12 -18.57
N LEU B 98 3.96 4.73 -19.72
CA LEU B 98 5.34 5.14 -20.12
C LEU B 98 5.79 6.21 -19.14
N ALA B 99 4.91 7.18 -18.89
CA ALA B 99 5.14 8.34 -18.02
C ALA B 99 5.22 7.88 -16.56
N GLY B 100 4.41 6.88 -16.17
CA GLY B 100 4.51 6.20 -14.85
C GLY B 100 5.94 5.71 -14.59
N ARG B 101 6.48 4.94 -15.53
CA ARG B 101 7.86 4.40 -15.40
C ARG B 101 8.88 5.53 -15.41
N PHE B 102 8.75 6.49 -16.33
CA PHE B 102 9.62 7.67 -16.38
C PHE B 102 9.72 8.35 -15.01
N TYR B 103 8.59 8.54 -14.30
CA TYR B 103 8.53 9.35 -13.05
C TYR B 103 8.49 8.50 -11.78
N HIS B 104 8.95 7.26 -11.83
CA HIS B 104 9.18 6.35 -10.67
C HIS B 104 7.86 6.00 -9.97
N GLU B 105 6.79 5.78 -10.75
CA GLU B 105 5.54 5.14 -10.28
C GLU B 105 5.00 5.88 -9.05
N PRO B 106 4.73 7.21 -9.17
CA PRO B 106 4.24 8.00 -8.03
C PRO B 106 2.98 7.41 -7.36
N SER B 107 2.08 6.80 -8.13
CA SER B 107 0.83 6.25 -7.53
C SER B 107 1.09 4.98 -6.70
N ASP B 108 2.27 4.34 -6.86
CA ASP B 108 2.74 3.24 -5.98
C ASP B 108 3.41 3.77 -4.71
N ASN B 109 3.70 5.09 -4.62
CA ASN B 109 4.45 5.69 -3.50
C ASN B 109 3.58 6.67 -2.73
N LEU B 110 2.27 6.68 -2.98
CA LEU B 110 1.33 7.37 -2.07
C LEU B 110 -0.01 6.69 -2.24
N ARG B 111 -0.95 7.00 -1.37
CA ARG B 111 -2.32 6.42 -1.42
C ARG B 111 -3.17 7.38 -2.27
N LEU B 112 -3.52 6.95 -3.47
CA LEU B 112 -4.24 7.77 -4.45
C LEU B 112 -5.71 7.36 -4.44
N VAL B 113 -6.56 8.36 -4.27
CA VAL B 113 -8.04 8.15 -4.33
C VAL B 113 -8.56 9.00 -5.48
N GLY B 114 -9.27 8.34 -6.40
CA GLY B 114 -9.90 9.00 -7.54
C GLY B 114 -11.37 9.21 -7.27
N VAL B 115 -11.87 10.39 -7.63
CA VAL B 115 -13.32 10.75 -7.47
C VAL B 115 -13.86 11.13 -8.85
N THR B 116 -14.96 10.49 -9.26
N THR B 116 -14.92 10.42 -9.30
CA THR B 116 -15.61 10.65 -10.59
CA THR B 116 -15.62 10.57 -10.60
C THR B 116 -17.10 10.92 -10.36
C THR B 116 -17.08 10.97 -10.33
N GLY B 117 -17.73 11.59 -11.31
CA GLY B 117 -19.13 12.02 -11.25
C GLY B 117 -19.26 13.47 -11.66
N THR B 118 -20.48 13.95 -11.86
CA THR B 118 -20.76 15.28 -12.44
C THR B 118 -20.54 16.32 -11.34
N ASN B 119 -21.06 16.05 -10.14
CA ASN B 119 -21.03 16.99 -8.99
C ASN B 119 -20.25 16.40 -7.82
N GLY B 120 -19.68 17.29 -6.99
CA GLY B 120 -19.15 16.94 -5.66
C GLY B 120 -17.73 16.39 -5.72
N LYS B 121 -17.09 16.37 -6.89
CA LYS B 121 -15.68 15.90 -7.04
C LYS B 121 -14.78 16.80 -6.19
N THR B 122 -14.96 18.13 -6.25
CA THR B 122 -14.05 19.09 -5.59
C THR B 122 -14.22 18.95 -4.07
N THR B 123 -15.45 18.95 -3.58
CA THR B 123 -15.75 18.83 -2.15
C THR B 123 -15.23 17.47 -1.67
N THR B 124 -15.54 16.39 -2.37
CA THR B 124 -15.26 15.02 -1.85
C THR B 124 -13.73 14.83 -1.82
N THR B 125 -13.03 15.30 -2.85
N THR B 125 -13.01 15.30 -2.84
CA THR B 125 -11.53 15.29 -2.94
CA THR B 125 -11.51 15.24 -2.88
C THR B 125 -10.97 16.08 -1.75
C THR B 125 -10.95 16.08 -1.73
N GLN B 126 -11.56 17.24 -1.43
CA GLN B 126 -11.09 18.12 -0.36
C GLN B 126 -11.28 17.41 0.96
N LEU B 127 -12.44 16.79 1.17
CA LEU B 127 -12.72 16.13 2.46
C LEU B 127 -11.76 14.95 2.68
N LEU B 128 -11.55 14.14 1.64
CA LEU B 128 -10.59 13.00 1.66
C LEU B 128 -9.20 13.53 2.08
N ALA B 129 -8.69 14.56 1.42
CA ALA B 129 -7.33 15.10 1.67
C ALA B 129 -7.27 15.63 3.10
N GLN B 130 -8.23 16.46 3.48
CA GLN B 130 -8.37 16.99 4.85
C GLN B 130 -8.39 15.88 5.89
N TRP B 131 -9.30 14.92 5.79
CA TRP B 131 -9.56 13.92 6.86
C TRP B 131 -8.32 13.02 7.04
N SER B 132 -7.73 12.61 5.92
CA SER B 132 -6.53 11.73 5.96
C SER B 132 -5.39 12.53 6.58
N GLN B 133 -5.31 13.85 6.32
CA GLN B 133 -4.22 14.68 6.90
C GLN B 133 -4.43 14.76 8.43
N LEU B 134 -5.68 14.97 8.88
CA LEU B 134 -6.10 14.95 10.30
C LEU B 134 -5.71 13.62 10.96
N LEU B 135 -5.66 12.51 10.24
CA LEU B 135 -5.19 11.21 10.75
C LEU B 135 -3.67 11.02 10.54
N GLY B 136 -2.93 12.04 10.10
CA GLY B 136 -1.45 12.00 10.09
C GLY B 136 -0.84 11.80 8.70
N GLU B 137 -1.64 11.64 7.65
CA GLU B 137 -1.06 11.68 6.28
C GLU B 137 -0.54 13.10 5.97
N ILE B 138 0.36 13.22 5.01
CA ILE B 138 0.62 14.51 4.33
C ILE B 138 -0.16 14.46 3.01
N SER B 139 -1.26 15.20 2.92
CA SER B 139 -2.27 15.01 1.86
C SER B 139 -2.13 16.10 0.80
N ALA B 140 -2.53 15.76 -0.42
CA ALA B 140 -2.52 16.63 -1.60
C ALA B 140 -3.83 16.43 -2.33
N VAL B 141 -4.17 17.38 -3.20
CA VAL B 141 -5.32 17.26 -4.11
C VAL B 141 -4.82 17.55 -5.50
N MET B 142 -5.44 16.90 -6.47
CA MET B 142 -5.29 17.26 -7.90
C MET B 142 -6.71 17.43 -8.44
N GLY B 143 -7.05 18.65 -8.87
CA GLY B 143 -8.43 18.91 -9.30
C GLY B 143 -8.61 20.26 -9.97
N THR B 144 -9.84 20.75 -9.92
CA THR B 144 -10.39 21.85 -10.78
C THR B 144 -9.83 23.21 -10.26
N VAL B 145 -9.75 23.38 -8.95
CA VAL B 145 -9.08 24.54 -8.30
C VAL B 145 -7.59 24.49 -8.68
N GLY B 146 -6.98 23.28 -8.68
CA GLY B 146 -5.60 23.01 -9.12
C GLY B 146 -4.95 21.86 -8.34
N ASN B 147 -3.62 21.88 -8.21
CA ASN B 147 -2.84 20.78 -7.60
C ASN B 147 -1.97 21.31 -6.47
N GLY B 148 -1.77 20.53 -5.42
CA GLY B 148 -0.72 20.85 -4.43
C GLY B 148 -1.01 20.20 -3.12
N LEU B 149 -0.06 20.28 -2.19
CA LEU B 149 -0.31 19.85 -0.79
C LEU B 149 -1.48 20.69 -0.29
N LEU B 150 -2.26 20.14 0.63
CA LEU B 150 -3.39 20.87 1.27
C LEU B 150 -2.89 22.25 1.74
N GLY B 151 -3.64 23.31 1.40
CA GLY B 151 -3.33 24.70 1.77
C GLY B 151 -2.33 25.37 0.83
N LYS B 152 -1.81 24.67 -0.18
CA LYS B 152 -0.81 25.21 -1.14
C LYS B 152 -1.14 24.71 -2.55
N VAL B 153 -2.39 24.88 -2.95
CA VAL B 153 -2.89 24.41 -4.28
C VAL B 153 -2.56 25.49 -5.31
N ILE B 154 -1.71 25.17 -6.30
CA ILE B 154 -1.33 26.04 -7.44
C ILE B 154 -2.37 25.82 -8.54
N PRO B 155 -3.16 26.85 -8.95
CA PRO B 155 -4.15 26.71 -10.02
C PRO B 155 -3.69 26.00 -11.30
N GLY B 161 -3.90 19.25 -20.25
CA GLY B 161 -3.72 18.08 -19.38
C GLY B 161 -3.54 16.80 -20.19
N SER B 162 -2.36 16.19 -20.11
CA SER B 162 -2.03 14.90 -20.75
C SER B 162 -1.73 13.83 -19.69
N ALA B 163 -1.66 12.57 -20.12
CA ALA B 163 -1.21 11.42 -19.27
C ALA B 163 0.18 11.72 -18.69
N VAL B 164 1.03 12.46 -19.40
CA VAL B 164 2.41 12.77 -18.92
C VAL B 164 2.34 13.80 -17.78
N ASP B 165 1.53 14.85 -17.95
CA ASP B 165 1.34 15.94 -16.96
C ASP B 165 0.81 15.33 -15.65
N VAL B 166 -0.13 14.40 -15.76
CA VAL B 166 -0.75 13.78 -14.56
C VAL B 166 0.34 13.07 -13.73
N GLN B 167 1.15 12.26 -14.39
CA GLN B 167 2.24 11.49 -13.74
C GLN B 167 3.30 12.45 -13.18
N HIS B 168 3.68 13.46 -13.97
CA HIS B 168 4.65 14.53 -13.60
C HIS B 168 4.19 15.21 -12.31
N GLU B 169 2.94 15.69 -12.25
CA GLU B 169 2.40 16.43 -11.09
C GLU B 169 2.39 15.50 -9.87
N LEU B 170 1.94 14.25 -10.05
CA LEU B 170 1.84 13.27 -8.93
C LEU B 170 3.27 13.01 -8.42
N ALA B 171 4.27 12.88 -9.33
CA ALA B 171 5.70 12.75 -8.96
C ALA B 171 6.12 13.98 -8.14
N GLY B 172 5.73 15.18 -8.58
CA GLY B 172 6.04 16.45 -7.87
C GLY B 172 5.49 16.41 -6.46
N LEU B 173 4.26 15.91 -6.29
CA LEU B 173 3.65 15.80 -4.96
C LEU B 173 4.43 14.76 -4.14
N VAL B 174 4.83 13.64 -4.73
CA VAL B 174 5.60 12.58 -3.98
C VAL B 174 6.90 13.25 -3.45
N ASP B 175 7.55 14.02 -4.30
CA ASP B 175 8.83 14.74 -4.03
C ASP B 175 8.63 15.66 -2.83
N GLN B 176 7.44 16.25 -2.72
CA GLN B 176 7.10 17.21 -1.65
C GLN B 176 6.69 16.50 -0.35
N GLY B 177 6.69 15.16 -0.32
CA GLY B 177 6.41 14.36 0.88
C GLY B 177 4.95 13.94 1.00
N ALA B 178 4.11 14.22 -0.01
CA ALA B 178 2.70 13.74 0.01
C ALA B 178 2.68 12.21 0.18
N THR B 179 1.88 11.72 1.10
CA THR B 179 1.62 10.27 1.34
C THR B 179 0.18 9.94 0.94
N PHE B 180 -0.63 10.95 0.62
CA PHE B 180 -2.04 10.76 0.21
C PHE B 180 -2.40 11.82 -0.81
N CYS B 181 -3.09 11.40 -1.86
CA CYS B 181 -3.63 12.33 -2.88
C CYS B 181 -5.07 11.95 -3.23
N ALA B 182 -5.96 12.93 -3.14
CA ALA B 182 -7.34 12.90 -3.66
C ALA B 182 -7.36 13.65 -5.00
N MET B 183 -7.73 12.94 -6.06
CA MET B 183 -7.69 13.38 -7.46
C MET B 183 -9.11 13.37 -8.06
N GLU B 184 -9.53 14.49 -8.64
CA GLU B 184 -10.71 14.55 -9.52
C GLU B 184 -10.40 13.89 -10.85
N VAL B 185 -11.22 12.94 -11.27
CA VAL B 185 -11.07 12.23 -12.57
C VAL B 185 -12.28 12.63 -13.41
N SER B 186 -12.04 13.47 -14.41
CA SER B 186 -13.07 13.93 -15.36
C SER B 186 -13.46 12.75 -16.23
N SER B 187 -14.72 12.65 -16.65
CA SER B 187 -15.20 11.61 -17.60
C SER B 187 -14.33 11.62 -18.86
N HIS B 188 -13.95 12.81 -19.35
CA HIS B 188 -13.15 12.97 -20.60
C HIS B 188 -11.68 12.55 -20.37
N GLY B 189 -11.05 12.93 -19.26
CA GLY B 189 -9.71 12.42 -18.86
C GLY B 189 -9.66 10.90 -18.90
N LEU B 190 -10.64 10.22 -18.30
CA LEU B 190 -10.69 8.73 -18.27
C LEU B 190 -10.68 8.20 -19.71
N VAL B 191 -11.59 8.71 -20.54
CA VAL B 191 -11.78 8.26 -21.95
C VAL B 191 -10.49 8.49 -22.74
N GLN B 192 -9.76 9.58 -22.49
CA GLN B 192 -8.51 9.92 -23.21
C GLN B 192 -7.32 9.16 -22.60
N HIS B 193 -7.56 8.30 -21.60
CA HIS B 193 -6.53 7.41 -21.00
C HIS B 193 -5.52 8.24 -20.22
N ARG B 194 -5.91 9.41 -19.69
CA ARG B 194 -5.00 10.33 -18.93
C ARG B 194 -4.63 9.75 -17.56
N VAL B 195 -5.38 8.76 -17.07
CA VAL B 195 -5.14 8.10 -15.75
C VAL B 195 -5.01 6.58 -15.95
N ALA B 196 -4.69 6.12 -17.16
CA ALA B 196 -4.80 4.67 -17.48
C ALA B 196 -3.86 3.81 -16.58
N ALA B 197 -2.65 4.25 -16.20
CA ALA B 197 -1.70 3.38 -15.47
C ALA B 197 -1.63 3.71 -13.98
N LEU B 198 -2.50 4.56 -13.47
CA LEU B 198 -2.45 5.02 -12.07
C LEU B 198 -2.98 3.91 -11.18
N LYS B 199 -2.24 3.57 -10.13
CA LYS B 199 -2.72 2.59 -9.13
C LYS B 199 -3.66 3.32 -8.19
N PHE B 200 -4.96 3.28 -8.45
CA PHE B 200 -5.90 3.92 -7.49
C PHE B 200 -6.03 2.98 -6.29
N ALA B 201 -5.81 3.50 -5.08
CA ALA B 201 -6.15 2.80 -3.83
C ALA B 201 -7.66 2.69 -3.70
N ALA B 202 -8.42 3.70 -4.10
CA ALA B 202 -9.90 3.68 -4.09
C ALA B 202 -10.44 4.59 -5.18
N SER B 203 -11.67 4.29 -5.62
CA SER B 203 -12.43 5.01 -6.67
C SER B 203 -13.82 5.28 -6.14
N VAL B 204 -14.19 6.55 -6.17
CA VAL B 204 -15.42 7.11 -5.57
C VAL B 204 -16.29 7.56 -6.75
N PHE B 205 -17.57 7.23 -6.70
CA PHE B 205 -18.61 7.71 -7.64
C PHE B 205 -19.59 8.54 -6.84
N THR B 206 -19.69 9.84 -7.14
CA THR B 206 -20.63 10.75 -6.46
C THR B 206 -22.00 10.64 -7.13
N ASN B 207 -22.10 10.84 -8.44
CA ASN B 207 -23.38 10.92 -9.20
C ASN B 207 -23.16 11.19 -10.70
N LEU B 208 -24.22 11.11 -11.52
CA LEU B 208 -24.29 11.87 -12.79
C LEU B 208 -25.73 12.30 -13.11
N SER B 209 -25.97 13.62 -13.18
CA SER B 209 -27.23 14.26 -13.66
C SER B 209 -27.47 13.85 -15.11
N ASP B 218 -28.71 3.57 -27.38
CA ASP B 218 -27.63 4.50 -26.96
C ASP B 218 -27.04 4.02 -25.62
N MET B 219 -27.85 4.00 -24.56
CA MET B 219 -27.45 3.72 -23.15
C MET B 219 -26.66 2.39 -23.08
N GLU B 220 -27.00 1.40 -23.91
CA GLU B 220 -26.33 0.07 -23.94
C GLU B 220 -24.88 0.25 -24.42
N HIS B 221 -24.67 1.00 -25.53
CA HIS B 221 -23.32 1.34 -26.05
C HIS B 221 -22.54 2.12 -24.97
N TYR B 222 -23.15 3.15 -24.37
CA TYR B 222 -22.50 4.06 -23.41
C TYR B 222 -21.97 3.28 -22.20
N GLU B 223 -22.83 2.49 -21.54
CA GLU B 223 -22.48 1.70 -20.34
C GLU B 223 -21.42 0.66 -20.71
N ALA B 224 -21.48 0.08 -21.91
CA ALA B 224 -20.53 -0.95 -22.40
C ALA B 224 -19.12 -0.36 -22.49
N ALA B 225 -19.05 0.78 -23.16
CA ALA B 225 -17.80 1.55 -23.35
C ALA B 225 -17.24 1.91 -21.96
N LYS B 226 -18.08 2.30 -21.00
CA LYS B 226 -17.56 2.77 -19.68
C LYS B 226 -17.09 1.55 -18.89
N TRP B 227 -17.87 0.46 -18.92
CA TRP B 227 -17.52 -0.78 -18.21
C TRP B 227 -16.17 -1.27 -18.71
N LEU B 228 -15.97 -1.31 -20.04
CA LEU B 228 -14.70 -1.69 -20.68
C LEU B 228 -13.57 -0.80 -20.15
N LEU B 229 -13.74 0.53 -20.25
CA LEU B 229 -12.75 1.55 -19.79
C LEU B 229 -12.31 1.23 -18.37
N TYR B 230 -13.27 1.07 -17.47
CA TYR B 230 -13.03 0.83 -16.02
C TYR B 230 -12.41 -0.55 -15.79
N SER B 231 -12.76 -1.60 -16.57
CA SER B 231 -12.17 -2.98 -16.47
C SER B 231 -10.66 -2.96 -16.77
N GLU B 232 -10.19 -1.97 -17.51
CA GLU B 232 -8.76 -1.77 -17.86
C GLU B 232 -8.03 -0.90 -16.82
N HIS B 233 -8.71 -0.37 -15.81
CA HIS B 233 -8.06 0.54 -14.84
C HIS B 233 -7.81 -0.22 -13.54
N HIS B 234 -6.85 0.26 -12.75
CA HIS B 234 -6.60 -0.21 -11.37
C HIS B 234 -7.44 0.64 -10.41
N CYS B 235 -8.70 0.26 -10.21
CA CYS B 235 -9.72 1.07 -9.48
C CYS B 235 -9.59 0.94 -7.97
N GLY B 236 -8.90 -0.09 -7.47
CA GLY B 236 -8.81 -0.34 -6.01
C GLY B 236 -10.19 -0.50 -5.41
N GLN B 237 -10.40 -0.09 -4.16
CA GLN B 237 -11.70 -0.19 -3.45
C GLN B 237 -12.72 0.72 -4.15
N ALA B 238 -13.88 0.20 -4.52
CA ALA B 238 -14.93 1.00 -5.18
C ALA B 238 -15.94 1.48 -4.14
N ILE B 239 -16.14 2.80 -4.08
CA ILE B 239 -17.07 3.48 -3.14
C ILE B 239 -18.11 4.23 -3.98
N ILE B 240 -19.39 3.88 -3.83
CA ILE B 240 -20.45 4.29 -4.80
C ILE B 240 -21.65 4.82 -4.03
N ASN B 241 -22.14 5.98 -4.47
CA ASN B 241 -23.39 6.61 -4.00
C ASN B 241 -24.56 5.74 -4.49
N ALA B 242 -25.21 5.03 -3.57
CA ALA B 242 -26.38 4.17 -3.85
C ALA B 242 -27.65 5.02 -4.04
N ASP B 243 -27.57 6.34 -3.86
CA ASP B 243 -28.71 7.28 -4.06
C ASP B 243 -28.76 7.72 -5.52
N ASP B 244 -27.79 7.31 -6.32
CA ASP B 244 -27.76 7.59 -7.78
C ASP B 244 -28.17 6.31 -8.49
N GLU B 245 -29.03 6.42 -9.51
CA GLU B 245 -29.63 5.25 -10.22
C GLU B 245 -28.51 4.51 -10.96
N VAL B 246 -27.57 5.25 -11.53
CA VAL B 246 -26.40 4.68 -12.23
C VAL B 246 -25.44 4.11 -11.18
N GLY B 247 -25.27 4.81 -10.06
CA GLY B 247 -24.57 4.26 -8.88
C GLY B 247 -25.10 2.89 -8.53
N ARG B 248 -26.42 2.73 -8.45
CA ARG B 248 -27.05 1.43 -8.08
C ARG B 248 -26.82 0.36 -9.16
N ARG B 249 -26.80 0.74 -10.43
CA ARG B 249 -26.47 -0.22 -11.52
C ARG B 249 -25.00 -0.65 -11.41
N TRP B 250 -24.07 0.28 -11.17
CA TRP B 250 -22.64 -0.03 -10.83
C TRP B 250 -22.64 -1.07 -9.70
N LEU B 251 -23.34 -0.79 -8.58
CA LEU B 251 -23.32 -1.60 -7.34
C LEU B 251 -23.87 -3.01 -7.60
N ALA B 252 -24.83 -3.14 -8.52
CA ALA B 252 -25.45 -4.43 -8.90
C ALA B 252 -24.36 -5.42 -9.37
N LYS B 253 -23.36 -4.92 -10.14
CA LYS B 253 -22.32 -5.73 -10.82
C LYS B 253 -21.02 -5.76 -10.00
N LEU B 254 -20.96 -5.03 -8.88
CA LEU B 254 -19.73 -4.88 -8.07
C LEU B 254 -20.02 -5.29 -6.64
N PRO B 255 -19.95 -6.60 -6.31
CA PRO B 255 -20.30 -7.07 -4.97
C PRO B 255 -19.28 -6.69 -3.87
N ASP B 256 -18.03 -6.33 -4.23
CA ASP B 256 -16.97 -5.89 -3.28
C ASP B 256 -17.02 -4.35 -3.12
N ALA B 257 -17.90 -3.65 -3.84
CA ALA B 257 -18.04 -2.19 -3.76
C ALA B 257 -18.72 -1.84 -2.44
N VAL B 258 -18.42 -0.65 -1.88
CA VAL B 258 -19.11 -0.10 -0.68
C VAL B 258 -20.30 0.72 -1.16
N ALA B 259 -21.52 0.39 -0.72
CA ALA B 259 -22.77 1.15 -1.01
C ALA B 259 -22.89 2.24 0.04
N VAL B 260 -23.07 3.50 -0.39
CA VAL B 260 -23.24 4.66 0.53
C VAL B 260 -24.61 5.29 0.28
N SER B 261 -25.35 5.54 1.35
CA SER B 261 -26.74 6.05 1.26
C SER B 261 -27.09 7.03 2.38
N MET B 262 -27.88 8.04 2.03
CA MET B 262 -28.60 8.84 3.04
C MET B 262 -30.10 8.85 2.76
N GLU B 263 -30.59 8.00 1.83
CA GLU B 263 -32.04 7.89 1.44
C GLU B 263 -32.51 6.43 1.39
N ASP B 264 -31.92 5.54 2.20
CA ASP B 264 -32.41 4.15 2.38
C ASP B 264 -32.25 3.28 1.12
N HIS B 265 -31.11 3.29 0.41
CA HIS B 265 -30.90 2.45 -0.80
C HIS B 265 -29.92 1.31 -0.52
N ILE B 266 -29.57 1.10 0.74
CA ILE B 266 -28.78 -0.08 1.18
C ILE B 266 -29.73 -1.29 1.18
N ASN B 267 -29.33 -2.35 0.46
CA ASN B 267 -30.01 -3.66 0.46
C ASN B 267 -29.17 -4.62 1.29
N PRO B 268 -29.55 -4.86 2.57
CA PRO B 268 -28.79 -5.77 3.44
C PRO B 268 -28.79 -7.24 2.98
N ASN B 269 -29.69 -7.67 2.07
CA ASN B 269 -29.65 -9.04 1.49
C ASN B 269 -28.31 -9.33 0.76
N CYS B 270 -27.61 -8.30 0.25
N CYS B 270 -27.61 -8.30 0.25
CA CYS B 270 -26.36 -8.48 -0.54
CA CYS B 270 -26.36 -8.47 -0.54
C CYS B 270 -25.18 -8.83 0.39
C CYS B 270 -25.18 -8.83 0.39
N HIS B 271 -25.30 -8.55 1.70
CA HIS B 271 -24.22 -8.76 2.72
C HIS B 271 -22.90 -8.10 2.25
N GLY B 272 -22.98 -6.99 1.53
CA GLY B 272 -21.76 -6.28 1.08
C GLY B 272 -21.37 -5.28 2.15
N ARG B 273 -20.37 -4.47 1.89
CA ARG B 273 -20.01 -3.36 2.78
C ARG B 273 -20.95 -2.17 2.50
N TRP B 274 -21.31 -1.43 3.54
CA TRP B 274 -22.35 -0.38 3.39
C TRP B 274 -22.15 0.69 4.47
N LEU B 275 -22.68 1.88 4.19
CA LEU B 275 -22.70 3.02 5.14
C LEU B 275 -23.88 3.91 4.77
N LYS B 276 -24.66 4.27 5.78
CA LYS B 276 -25.95 4.92 5.54
C LYS B 276 -26.23 5.91 6.67
N ALA B 277 -26.60 7.12 6.29
CA ALA B 277 -27.11 8.12 7.26
C ALA B 277 -28.51 7.63 7.69
N THR B 278 -28.74 7.46 8.98
CA THR B 278 -30.07 7.02 9.50
C THR B 278 -30.93 8.26 9.76
N GLU B 279 -30.28 9.33 10.26
CA GLU B 279 -30.95 10.59 10.67
C GLU B 279 -29.98 11.76 10.42
N VAL B 280 -30.47 12.84 9.83
CA VAL B 280 -29.69 14.10 9.68
C VAL B 280 -30.51 15.23 10.25
N ASN B 281 -29.95 15.99 11.17
CA ASN B 281 -30.51 17.29 11.62
C ASN B 281 -29.73 18.42 10.90
N TYR B 282 -30.40 19.18 10.06
CA TYR B 282 -29.82 20.38 9.40
C TYR B 282 -30.06 21.56 10.33
N HIS B 283 -29.01 22.10 10.96
CA HIS B 283 -29.12 23.20 11.97
C HIS B 283 -28.36 24.44 11.47
N ASP B 284 -28.31 25.50 12.29
CA ASP B 284 -27.85 26.85 11.87
C ASP B 284 -26.36 26.84 11.53
N SER B 285 -25.59 25.82 11.90
CA SER B 285 -24.10 25.84 11.78
C SER B 285 -23.56 24.60 11.04
N GLY B 286 -24.44 23.76 10.49
CA GLY B 286 -24.01 22.50 9.86
C GLY B 286 -25.05 21.42 9.97
N ALA B 287 -24.62 20.16 9.95
CA ALA B 287 -25.53 19.00 9.97
C ALA B 287 -25.02 18.00 11.01
N THR B 288 -25.94 17.48 11.81
CA THR B 288 -25.69 16.37 12.76
C THR B 288 -26.09 15.08 12.06
N ILE B 289 -25.11 14.23 11.78
CA ILE B 289 -25.29 13.06 10.90
C ILE B 289 -25.15 11.80 11.78
N ARG B 290 -26.23 11.05 11.90
CA ARG B 290 -26.25 9.74 12.59
C ARG B 290 -26.17 8.70 11.48
N PHE B 291 -25.25 7.77 11.63
CA PHE B 291 -25.02 6.75 10.59
C PHE B 291 -24.73 5.39 11.22
N SER B 292 -25.04 4.37 10.43
N SER B 292 -25.05 4.37 10.44
CA SER B 292 -24.63 2.97 10.67
CA SER B 292 -24.65 2.96 10.67
C SER B 292 -23.81 2.50 9.46
C SER B 292 -23.81 2.50 9.47
N SER B 293 -22.98 1.48 9.66
CA SER B 293 -22.04 0.98 8.64
C SER B 293 -21.60 -0.42 9.05
N SER B 294 -20.99 -1.15 8.15
CA SER B 294 -20.48 -2.50 8.50
C SER B 294 -19.18 -2.34 9.31
N TRP B 295 -18.67 -1.11 9.49
CA TRP B 295 -17.53 -0.83 10.40
C TRP B 295 -18.02 -0.41 11.79
N GLY B 296 -19.32 -0.25 11.98
CA GLY B 296 -19.91 0.31 13.22
C GLY B 296 -20.63 1.63 13.00
N ASP B 297 -21.15 2.18 14.09
CA ASP B 297 -22.16 3.27 14.03
C ASP B 297 -21.57 4.53 14.64
N GLY B 298 -22.17 5.68 14.38
CA GLY B 298 -21.60 6.89 14.95
C GLY B 298 -22.46 8.10 14.67
N GLU B 299 -21.98 9.23 15.14
CA GLU B 299 -22.62 10.55 14.97
C GLU B 299 -21.52 11.55 14.67
N ILE B 300 -21.67 12.29 13.58
CA ILE B 300 -20.68 13.30 13.13
C ILE B 300 -21.33 14.68 13.18
N GLU B 301 -20.59 15.69 13.67
CA GLU B 301 -20.99 17.12 13.59
C GLU B 301 -20.31 17.73 12.36
N SER B 302 -21.00 17.81 11.24
CA SER B 302 -20.44 18.36 9.98
C SER B 302 -20.64 19.88 10.01
N HIS B 303 -19.61 20.65 9.63
CA HIS B 303 -19.70 22.13 9.48
C HIS B 303 -19.99 22.51 8.01
N LEU B 304 -20.38 21.54 7.17
CA LEU B 304 -20.80 21.79 5.76
C LEU B 304 -22.35 21.85 5.68
N MET B 305 -22.85 22.44 4.60
CA MET B 305 -24.27 22.84 4.46
C MET B 305 -24.89 22.07 3.30
N GLY B 306 -26.13 21.61 3.53
CA GLY B 306 -27.01 21.00 2.52
C GLY B 306 -26.88 19.49 2.46
N ALA B 307 -27.81 18.83 1.78
CA ALA B 307 -27.91 17.35 1.70
C ALA B 307 -26.78 16.77 0.86
N PHE B 308 -26.42 17.46 -0.22
CA PHE B 308 -25.38 16.94 -1.15
C PHE B 308 -24.01 16.87 -0.43
N ASN B 309 -23.70 17.81 0.46
CA ASN B 309 -22.44 17.78 1.26
C ASN B 309 -22.51 16.70 2.37
N VAL B 310 -23.68 16.30 2.83
CA VAL B 310 -23.83 15.08 3.71
C VAL B 310 -23.37 13.90 2.85
N SER B 311 -23.87 13.80 1.62
CA SER B 311 -23.53 12.70 0.70
C SER B 311 -22.03 12.67 0.45
N ASN B 312 -21.46 13.83 0.12
CA ASN B 312 -20.00 13.94 -0.14
C ASN B 312 -19.23 13.46 1.10
N LEU B 313 -19.60 13.91 2.28
CA LEU B 313 -18.88 13.56 3.56
C LEU B 313 -19.03 12.05 3.83
N LEU B 314 -20.19 11.44 3.62
CA LEU B 314 -20.40 9.99 3.81
C LEU B 314 -19.51 9.20 2.82
N LEU B 315 -19.39 9.69 1.59
CA LEU B 315 -18.52 9.03 0.60
C LEU B 315 -17.08 9.06 1.10
N ALA B 316 -16.61 10.19 1.60
CA ALA B 316 -15.22 10.33 2.09
C ALA B 316 -14.99 9.37 3.27
N LEU B 317 -15.92 9.36 4.22
CA LEU B 317 -15.90 8.47 5.42
C LEU B 317 -15.81 7.00 5.00
N ALA B 318 -16.68 6.58 4.09
CA ALA B 318 -16.78 5.18 3.61
C ALA B 318 -15.48 4.79 2.89
N THR B 319 -14.90 5.70 2.11
CA THR B 319 -13.61 5.50 1.41
C THR B 319 -12.48 5.29 2.43
N LEU B 320 -12.39 6.16 3.44
CA LEU B 320 -11.31 6.06 4.42
C LEU B 320 -11.53 4.81 5.29
N LEU B 321 -12.77 4.48 5.66
CA LEU B 321 -13.02 3.20 6.38
C LEU B 321 -12.54 2.02 5.52
N ALA B 322 -12.84 2.01 4.22
CA ALA B 322 -12.52 0.92 3.28
C ALA B 322 -11.00 0.79 3.15
N LEU B 323 -10.27 1.89 3.30
CA LEU B 323 -8.79 1.91 3.19
C LEU B 323 -8.20 1.53 4.54
N GLY B 324 -9.04 1.38 5.57
CA GLY B 324 -8.60 0.82 6.86
C GLY B 324 -8.24 1.88 7.89
N TYR B 325 -8.66 3.13 7.69
CA TYR B 325 -8.54 4.16 8.76
C TYR B 325 -9.57 3.82 9.83
N PRO B 326 -9.19 3.84 11.13
CA PRO B 326 -10.11 3.40 12.17
C PRO B 326 -11.32 4.35 12.35
N LEU B 327 -12.50 3.77 12.48
CA LEU B 327 -13.73 4.56 12.74
C LEU B 327 -13.51 5.57 13.89
N ALA B 328 -12.99 5.13 15.05
CA ALA B 328 -12.91 6.04 16.23
C ALA B 328 -12.07 7.28 15.86
N ASP B 329 -11.02 7.10 15.08
CA ASP B 329 -10.09 8.20 14.69
C ASP B 329 -10.78 9.12 13.68
N LEU B 330 -11.62 8.59 12.79
CA LEU B 330 -12.34 9.44 11.82
C LEU B 330 -13.37 10.28 12.58
N LEU B 331 -14.15 9.63 13.45
CA LEU B 331 -15.18 10.29 14.30
C LEU B 331 -14.51 11.42 15.12
N LYS B 332 -13.33 11.19 15.70
CA LYS B 332 -12.63 12.18 16.56
C LYS B 332 -12.21 13.43 15.75
N THR B 333 -12.08 13.33 14.43
CA THR B 333 -11.54 14.43 13.60
C THR B 333 -12.62 15.01 12.69
N ALA B 334 -13.82 14.43 12.61
CA ALA B 334 -14.87 14.86 11.66
C ALA B 334 -15.25 16.35 11.86
N ALA B 335 -15.27 16.85 13.10
CA ALA B 335 -15.69 18.25 13.39
C ALA B 335 -14.64 19.24 12.86
N ARG B 336 -13.44 18.79 12.55
CA ARG B 336 -12.38 19.70 11.99
C ARG B 336 -12.46 19.80 10.48
N LEU B 337 -13.33 19.04 9.78
CA LEU B 337 -13.45 19.12 8.31
C LEU B 337 -14.07 20.47 7.94
N GLN B 338 -13.62 21.07 6.86
CA GLN B 338 -14.03 22.47 6.58
C GLN B 338 -14.61 22.49 5.19
N PRO B 339 -15.50 23.47 4.93
CA PRO B 339 -16.05 23.65 3.59
C PRO B 339 -14.97 24.04 2.58
N VAL B 340 -15.24 23.75 1.32
CA VAL B 340 -14.47 24.41 0.22
C VAL B 340 -14.76 25.92 0.34
N CYS B 341 -13.72 26.74 0.30
CA CYS B 341 -13.81 28.22 0.48
C CYS B 341 -14.87 28.81 -0.49
N GLY B 342 -15.86 29.53 0.02
CA GLY B 342 -16.91 30.17 -0.80
C GLY B 342 -17.85 29.15 -1.44
N ARG B 343 -17.85 27.90 -0.97
CA ARG B 343 -18.81 26.85 -1.39
C ARG B 343 -19.71 26.52 -0.19
N MET B 344 -20.93 27.07 -0.20
CA MET B 344 -21.93 26.89 0.89
C MET B 344 -21.22 27.07 2.24
N GLU B 345 -20.48 28.15 2.36
CA GLU B 345 -19.58 28.39 3.50
C GLU B 345 -20.33 29.18 4.58
N VAL B 346 -20.51 28.56 5.75
CA VAL B 346 -21.37 29.08 6.82
C VAL B 346 -20.58 30.01 7.74
N PHE B 347 -21.20 31.11 8.11
CA PHE B 347 -20.67 32.09 9.12
C PHE B 347 -21.76 32.25 10.15
N THR B 348 -21.43 31.98 11.42
CA THR B 348 -22.35 32.12 12.56
C THR B 348 -21.70 33.01 13.61
N ALA B 349 -22.54 33.64 14.40
CA ALA B 349 -22.12 34.39 15.58
C ALA B 349 -23.30 34.43 16.52
N PRO B 350 -22.98 34.49 17.84
CA PRO B 350 -23.99 34.62 18.89
C PRO B 350 -25.11 35.61 18.52
N GLY B 351 -26.35 35.10 18.42
CA GLY B 351 -27.59 35.89 18.25
C GLY B 351 -27.56 36.78 17.01
N LYS B 352 -26.97 36.31 15.91
CA LYS B 352 -27.02 36.96 14.57
C LYS B 352 -27.62 35.93 13.61
N PRO B 353 -28.22 36.34 12.48
CA PRO B 353 -28.60 35.38 11.45
C PRO B 353 -27.39 34.53 11.04
N THR B 354 -27.64 33.30 10.62
CA THR B 354 -26.65 32.46 9.93
C THR B 354 -26.41 33.06 8.55
N VAL B 355 -25.16 33.16 8.11
CA VAL B 355 -24.84 33.73 6.77
C VAL B 355 -24.03 32.68 6.02
N VAL B 356 -24.42 32.38 4.78
CA VAL B 356 -23.76 31.40 3.87
C VAL B 356 -23.27 32.16 2.65
N VAL B 357 -21.97 32.04 2.36
CA VAL B 357 -21.36 32.61 1.15
C VAL B 357 -21.20 31.47 0.18
N ASP B 358 -21.74 31.63 -1.02
CA ASP B 358 -21.65 30.61 -2.08
C ASP B 358 -21.38 31.31 -3.39
N TYR B 359 -20.58 30.68 -4.23
CA TYR B 359 -20.18 31.26 -5.54
C TYR B 359 -21.33 31.19 -6.56
N ALA B 360 -22.45 30.51 -6.31
CA ALA B 360 -23.57 30.33 -7.28
C ALA B 360 -23.81 31.62 -8.06
N HIS B 361 -23.72 31.53 -9.38
CA HIS B 361 -23.86 32.71 -10.26
C HIS B 361 -24.58 32.35 -11.56
N THR B 362 -25.29 31.22 -11.59
CA THR B 362 -26.18 30.74 -12.67
C THR B 362 -27.53 30.39 -12.06
N PRO B 363 -28.63 30.34 -12.83
CA PRO B 363 -29.94 30.01 -12.26
C PRO B 363 -29.93 28.68 -11.51
N ASP B 364 -29.44 27.61 -12.17
N ASP B 364 -29.46 27.62 -12.19
CA ASP B 364 -29.42 26.24 -11.60
CA ASP B 364 -29.36 26.24 -11.64
C ASP B 364 -28.57 26.22 -10.31
C ASP B 364 -28.59 26.24 -10.32
N ALA B 365 -27.42 26.87 -10.29
CA ALA B 365 -26.52 26.89 -9.11
C ALA B 365 -27.16 27.69 -7.98
N LEU B 366 -27.83 28.80 -8.29
CA LEU B 366 -28.56 29.60 -7.27
C LEU B 366 -29.67 28.73 -6.66
N GLU B 367 -30.46 28.07 -7.50
CA GLU B 367 -31.58 27.20 -7.04
C GLU B 367 -31.06 26.14 -6.07
N LYS B 368 -30.03 25.38 -6.45
CA LYS B 368 -29.38 24.37 -5.54
C LYS B 368 -28.85 25.06 -4.27
N ALA B 369 -28.09 26.16 -4.35
CA ALA B 369 -27.60 26.86 -3.13
C ALA B 369 -28.79 27.21 -2.19
N LEU B 370 -29.94 27.71 -2.71
CA LEU B 370 -31.08 28.16 -1.84
C LEU B 370 -31.80 26.92 -1.27
N GLN B 371 -31.96 25.87 -2.07
CA GLN B 371 -32.60 24.62 -1.57
C GLN B 371 -31.74 24.05 -0.44
N ALA B 372 -30.43 24.11 -0.56
CA ALA B 372 -29.48 23.67 0.49
C ALA B 372 -29.61 24.55 1.76
N ALA B 373 -29.60 25.88 1.63
CA ALA B 373 -29.67 26.83 2.77
C ALA B 373 -31.02 26.67 3.50
N ARG B 374 -32.08 26.39 2.74
CA ARG B 374 -33.45 26.26 3.28
C ARG B 374 -33.48 25.16 4.36
N LEU B 375 -32.76 24.05 4.14
CA LEU B 375 -32.78 22.90 5.09
C LEU B 375 -32.32 23.34 6.48
N HIS B 376 -31.38 24.29 6.55
CA HIS B 376 -30.78 24.80 7.81
C HIS B 376 -31.56 26.00 8.40
N CYS B 377 -32.68 26.40 7.80
CA CYS B 377 -33.32 27.72 8.01
C CYS B 377 -34.65 27.54 8.75
N ALA B 378 -34.71 27.85 10.04
CA ALA B 378 -35.95 27.80 10.86
C ALA B 378 -36.85 29.01 10.53
N GLY B 379 -36.28 30.17 10.20
CA GLY B 379 -37.09 31.38 9.94
C GLY B 379 -37.19 31.71 8.47
N LYS B 380 -36.73 32.91 8.11
CA LYS B 380 -36.77 33.44 6.74
C LYS B 380 -35.45 33.16 6.03
N LEU B 381 -35.52 32.80 4.76
CA LEU B 381 -34.34 32.71 3.86
C LEU B 381 -34.24 33.98 3.01
N TRP B 382 -33.12 34.68 3.19
CA TRP B 382 -32.72 35.87 2.42
C TRP B 382 -31.78 35.45 1.31
N CYS B 383 -31.84 36.11 0.15
CA CYS B 383 -30.89 35.89 -0.97
C CYS B 383 -30.36 37.24 -1.43
N VAL B 384 -29.10 37.50 -1.19
CA VAL B 384 -28.40 38.71 -1.69
C VAL B 384 -27.62 38.30 -2.93
N PHE B 385 -27.87 38.95 -4.05
CA PHE B 385 -27.15 38.56 -5.30
C PHE B 385 -27.29 39.67 -6.34
N GLY B 386 -26.49 39.56 -7.39
CA GLY B 386 -26.66 40.38 -8.62
C GLY B 386 -26.07 39.63 -9.79
N CYS B 387 -25.91 40.30 -10.92
CA CYS B 387 -25.45 39.65 -12.16
C CYS B 387 -24.38 40.52 -12.79
N GLY B 388 -23.46 39.85 -13.48
CA GLY B 388 -22.31 40.50 -14.13
C GLY B 388 -22.75 41.46 -15.21
N GLY B 389 -22.10 42.62 -15.26
CA GLY B 389 -22.25 43.63 -16.33
C GLY B 389 -21.52 43.19 -17.59
N ASP B 390 -22.04 43.58 -18.76
CA ASP B 390 -21.37 43.46 -20.09
C ASP B 390 -21.23 41.99 -20.49
N ARG B 391 -22.05 41.10 -19.94
CA ARG B 391 -22.10 39.68 -20.38
C ARG B 391 -23.24 38.93 -19.72
N ASP B 392 -23.51 37.73 -20.26
CA ASP B 392 -24.37 36.68 -19.67
C ASP B 392 -25.68 37.32 -19.23
N LYS B 393 -26.37 37.98 -20.17
CA LYS B 393 -27.50 38.88 -19.89
C LYS B 393 -28.79 38.07 -19.76
N GLY B 394 -28.88 36.96 -20.49
CA GLY B 394 -30.07 36.08 -20.53
C GLY B 394 -30.36 35.46 -19.17
N LYS B 395 -29.34 35.24 -18.32
CA LYS B 395 -29.51 34.61 -17.00
C LYS B 395 -30.25 35.57 -16.04
N ARG B 396 -30.30 36.88 -16.35
CA ARG B 396 -30.69 37.90 -15.36
C ARG B 396 -32.11 37.63 -14.88
N PRO B 397 -33.15 37.61 -15.75
CA PRO B 397 -34.53 37.42 -15.29
C PRO B 397 -34.72 36.04 -14.64
N LEU B 398 -33.95 35.04 -15.09
CA LEU B 398 -33.99 33.63 -14.61
C LEU B 398 -33.45 33.55 -13.17
N MET B 399 -32.42 34.33 -12.86
N MET B 399 -32.38 34.30 -12.89
CA MET B 399 -31.87 34.35 -11.47
CA MET B 399 -31.83 34.43 -11.51
C MET B 399 -32.83 35.14 -10.56
C MET B 399 -32.91 35.06 -10.62
N GLY B 400 -33.48 36.19 -11.06
CA GLY B 400 -34.57 36.89 -10.34
C GLY B 400 -35.72 35.97 -9.96
N ALA B 401 -36.22 35.14 -10.89
CA ALA B 401 -37.38 34.23 -10.67
C ALA B 401 -36.99 33.17 -9.62
N ILE B 402 -35.73 32.72 -9.65
CA ILE B 402 -35.20 31.69 -8.71
C ILE B 402 -35.12 32.32 -7.32
N ALA B 403 -34.58 33.54 -7.18
CA ALA B 403 -34.45 34.23 -5.88
C ALA B 403 -35.84 34.40 -5.26
N GLU B 404 -36.85 34.71 -6.08
CA GLU B 404 -38.21 34.99 -5.61
C GLU B 404 -38.91 33.69 -5.17
N GLU B 405 -38.71 32.60 -5.90
CA GLU B 405 -39.41 31.33 -5.58
C GLU B 405 -38.72 30.61 -4.41
N PHE B 406 -37.40 30.54 -4.40
CA PHE B 406 -36.64 29.62 -3.49
C PHE B 406 -36.13 30.40 -2.27
N ALA B 407 -36.23 31.73 -2.25
CA ALA B 407 -35.98 32.55 -1.05
C ALA B 407 -37.27 33.23 -0.62
N ASP B 408 -37.30 33.67 0.62
CA ASP B 408 -38.40 34.47 1.21
C ASP B 408 -38.15 35.95 0.95
N VAL B 409 -36.90 36.42 1.01
CA VAL B 409 -36.58 37.84 0.70
C VAL B 409 -35.45 37.87 -0.34
N ALA B 410 -35.67 38.54 -1.48
CA ALA B 410 -34.60 38.76 -2.49
C ALA B 410 -34.01 40.16 -2.28
N VAL B 411 -32.71 40.23 -2.06
CA VAL B 411 -31.97 41.53 -2.03
C VAL B 411 -31.15 41.62 -3.32
N VAL B 412 -31.60 42.42 -4.29
CA VAL B 412 -30.91 42.53 -5.61
C VAL B 412 -29.89 43.68 -5.54
N THR B 413 -28.64 43.36 -5.82
CA THR B 413 -27.53 44.34 -5.75
C THR B 413 -26.62 44.15 -6.95
N ASP B 414 -25.42 44.73 -6.86
CA ASP B 414 -24.35 44.70 -7.88
C ASP B 414 -23.45 43.48 -7.70
N ASP B 415 -22.89 43.01 -8.81
CA ASP B 415 -21.89 41.91 -8.90
C ASP B 415 -21.10 42.08 -10.19
N ASN B 416 -19.95 42.76 -10.13
CA ASN B 416 -19.09 42.99 -11.30
C ASN B 416 -19.90 43.69 -12.39
N PRO B 417 -20.48 44.87 -12.13
CA PRO B 417 -21.19 45.62 -13.16
C PRO B 417 -20.30 46.11 -14.34
N ARG B 418 -18.97 46.10 -14.18
CA ARG B 418 -18.05 46.43 -15.30
C ARG B 418 -18.43 47.81 -15.84
N THR B 419 -18.68 47.98 -17.16
CA THR B 419 -18.95 49.32 -17.76
C THR B 419 -20.45 49.58 -17.89
N GLU B 420 -21.29 48.59 -17.63
CA GLU B 420 -22.77 48.67 -17.77
C GLU B 420 -23.38 49.41 -16.57
N GLU B 421 -24.46 50.16 -16.80
CA GLU B 421 -25.17 50.94 -15.77
C GLU B 421 -25.68 49.94 -14.73
N PRO B 422 -25.24 50.06 -13.45
CA PRO B 422 -25.63 49.07 -12.44
C PRO B 422 -27.15 48.81 -12.46
N ARG B 423 -27.93 49.90 -12.48
CA ARG B 423 -29.43 49.86 -12.36
C ARG B 423 -30.07 49.09 -13.54
N ALA B 424 -29.50 49.19 -14.75
CA ALA B 424 -29.96 48.46 -15.97
C ALA B 424 -29.86 46.95 -15.72
N ILE B 425 -28.78 46.47 -15.11
CA ILE B 425 -28.61 45.03 -14.76
C ILE B 425 -29.74 44.63 -13.80
N ILE B 426 -29.92 45.41 -12.75
CA ILE B 426 -30.91 45.16 -11.68
C ILE B 426 -32.31 45.10 -12.30
N ASN B 427 -32.63 45.94 -13.28
CA ASN B 427 -33.98 45.94 -13.91
C ASN B 427 -34.17 44.64 -14.71
N ASP B 428 -33.13 44.14 -15.39
CA ASP B 428 -33.14 42.87 -16.15
C ASP B 428 -33.46 41.73 -15.19
N ILE B 429 -32.96 41.80 -13.96
CA ILE B 429 -33.20 40.77 -12.92
C ILE B 429 -34.64 40.86 -12.47
N LEU B 430 -35.09 42.07 -12.06
CA LEU B 430 -36.46 42.35 -11.56
C LEU B 430 -37.50 41.96 -12.62
N ALA B 431 -37.12 42.02 -13.91
CA ALA B 431 -38.01 41.67 -15.05
C ALA B 431 -38.52 40.25 -14.91
N GLY B 432 -37.74 39.33 -14.32
CA GLY B 432 -38.15 37.92 -14.21
C GLY B 432 -39.03 37.66 -13.00
N MET B 433 -39.33 38.67 -12.17
CA MET B 433 -40.03 38.44 -10.89
C MET B 433 -41.53 38.70 -11.08
N LEU B 434 -42.35 37.84 -10.47
CA LEU B 434 -43.82 38.05 -10.33
C LEU B 434 -44.12 39.28 -9.46
N ASP B 435 -43.33 39.52 -8.40
CA ASP B 435 -43.62 40.61 -7.42
C ASP B 435 -42.29 41.30 -7.07
N ALA B 436 -41.74 42.03 -8.04
CA ALA B 436 -40.48 42.78 -7.93
C ALA B 436 -40.60 43.81 -6.82
N GLY B 437 -41.82 44.32 -6.58
CA GLY B 437 -42.16 45.22 -5.46
C GLY B 437 -41.74 44.65 -4.11
N HIS B 438 -41.77 43.32 -3.96
CA HIS B 438 -41.40 42.58 -2.71
C HIS B 438 -39.87 42.50 -2.57
N ALA B 439 -39.12 42.60 -3.66
CA ALA B 439 -37.64 42.52 -3.66
C ALA B 439 -37.10 43.80 -3.05
N LYS B 440 -36.00 43.69 -2.33
CA LYS B 440 -35.26 44.85 -1.79
C LYS B 440 -34.16 45.11 -2.81
N VAL B 441 -34.10 46.32 -3.35
CA VAL B 441 -33.01 46.68 -4.30
C VAL B 441 -32.05 47.58 -3.53
N MET B 442 -30.74 47.28 -3.52
CA MET B 442 -29.75 48.20 -2.96
C MET B 442 -28.48 48.11 -3.79
N GLU B 443 -28.09 49.24 -4.39
CA GLU B 443 -26.78 49.45 -5.07
C GLU B 443 -25.76 49.70 -3.97
N GLY B 444 -24.52 49.30 -4.26
CA GLY B 444 -23.48 49.07 -3.26
C GLY B 444 -23.66 47.67 -2.72
N ARG B 445 -22.80 46.73 -3.08
CA ARG B 445 -22.97 45.32 -2.64
C ARG B 445 -22.75 45.25 -1.14
N ALA B 446 -21.75 45.97 -0.58
CA ALA B 446 -21.48 45.84 0.87
C ALA B 446 -22.75 46.25 1.61
N GLU B 447 -23.40 47.31 1.13
CA GLU B 447 -24.60 47.89 1.80
C GLU B 447 -25.75 46.90 1.69
N ALA B 448 -25.92 46.19 0.57
CA ALA B 448 -27.01 45.18 0.39
C ALA B 448 -26.79 44.02 1.35
N VAL B 449 -25.57 43.54 1.45
CA VAL B 449 -25.21 42.46 2.41
C VAL B 449 -25.55 42.92 3.82
N THR B 450 -25.14 44.14 4.17
CA THR B 450 -25.37 44.77 5.49
C THR B 450 -26.87 44.83 5.74
N CYS B 451 -27.62 45.28 4.74
CA CYS B 451 -29.09 45.36 4.80
C CYS B 451 -29.70 44.01 5.19
N ALA B 452 -29.29 42.93 4.53
CA ALA B 452 -29.88 41.59 4.82
C ALA B 452 -29.40 41.17 6.21
N VAL B 453 -28.12 41.29 6.51
CA VAL B 453 -27.55 40.74 7.77
C VAL B 453 -28.17 41.50 8.95
N MET B 454 -28.28 42.82 8.86
CA MET B 454 -28.68 43.69 10.01
C MET B 454 -30.20 43.59 10.23
N GLN B 455 -31.00 43.32 9.18
CA GLN B 455 -32.49 43.20 9.28
C GLN B 455 -32.90 41.76 9.58
N ALA B 456 -32.13 40.76 9.14
CA ALA B 456 -32.53 39.34 9.30
C ALA B 456 -32.63 39.01 10.80
N LYS B 457 -33.61 38.17 11.18
CA LYS B 457 -33.74 37.62 12.56
C LYS B 457 -32.65 36.58 12.86
N GLU B 458 -32.56 36.19 14.14
CA GLU B 458 -31.55 35.25 14.68
C GLU B 458 -31.69 33.86 14.04
N ASN B 459 -32.89 33.41 13.72
CA ASN B 459 -33.08 32.03 13.18
C ASN B 459 -33.28 32.12 11.65
N ASP B 460 -32.98 33.27 11.06
CA ASP B 460 -33.00 33.45 9.57
C ASP B 460 -31.66 32.94 9.02
N VAL B 461 -31.64 32.69 7.73
CA VAL B 461 -30.39 32.40 6.99
C VAL B 461 -30.30 33.43 5.85
N VAL B 462 -29.14 34.07 5.70
CA VAL B 462 -28.83 34.91 4.51
C VAL B 462 -27.86 34.17 3.62
N LEU B 463 -28.26 33.89 2.39
CA LEU B 463 -27.35 33.39 1.32
C LEU B 463 -26.79 34.61 0.58
N VAL B 464 -25.47 34.77 0.56
CA VAL B 464 -24.77 35.83 -0.23
C VAL B 464 -24.14 35.04 -1.39
N ALA B 465 -24.79 35.11 -2.55
CA ALA B 465 -24.47 34.33 -3.75
C ALA B 465 -23.72 35.18 -4.79
N GLY B 466 -22.83 34.54 -5.56
CA GLY B 466 -22.29 35.11 -6.79
C GLY B 466 -20.78 35.18 -6.82
N LYS B 467 -20.12 35.25 -5.66
CA LYS B 467 -18.67 35.58 -5.59
C LYS B 467 -17.92 34.45 -4.89
N GLY B 468 -18.49 33.86 -3.85
CA GLY B 468 -17.81 32.83 -3.06
C GLY B 468 -16.47 33.35 -2.57
N HIS B 469 -15.38 32.85 -3.14
CA HIS B 469 -13.98 33.15 -2.73
C HIS B 469 -13.46 34.42 -3.42
N GLU B 470 -14.08 34.88 -4.53
CA GLU B 470 -13.53 35.98 -5.38
C GLU B 470 -13.56 37.27 -4.56
N ASP B 471 -12.43 37.97 -4.46
CA ASP B 471 -12.25 39.10 -3.52
C ASP B 471 -12.03 40.41 -4.30
N TYR B 472 -12.89 40.66 -5.28
CA TYR B 472 -12.94 41.92 -6.06
C TYR B 472 -14.37 42.19 -6.55
N GLN B 473 -14.57 43.45 -6.92
CA GLN B 473 -15.78 43.97 -7.60
C GLN B 473 -15.30 44.81 -8.79
N ILE B 474 -15.62 44.36 -10.00
CA ILE B 474 -15.22 45.00 -11.28
C ILE B 474 -16.20 46.14 -11.56
N VAL B 475 -15.77 47.39 -11.35
CA VAL B 475 -16.52 48.64 -11.69
C VAL B 475 -15.66 49.38 -12.73
N GLY B 476 -16.25 49.70 -13.89
CA GLY B 476 -15.50 50.07 -15.09
C GLY B 476 -14.56 48.95 -15.45
N ASN B 477 -13.27 49.26 -15.59
CA ASN B 477 -12.18 48.27 -15.85
C ASN B 477 -11.44 47.95 -14.54
N GLN B 478 -11.73 48.69 -13.47
CA GLN B 478 -11.02 48.62 -12.16
C GLN B 478 -11.44 47.38 -11.36
N ARG B 479 -10.46 46.62 -10.88
CA ARG B 479 -10.66 45.48 -9.95
C ARG B 479 -10.58 46.03 -8.53
N LEU B 480 -11.70 46.56 -8.01
CA LEU B 480 -11.77 47.17 -6.66
C LEU B 480 -11.72 46.06 -5.60
N ASP B 481 -11.02 46.31 -4.50
CA ASP B 481 -10.89 45.35 -3.36
C ASP B 481 -12.27 45.27 -2.71
N TYR B 482 -12.84 44.07 -2.72
CA TYR B 482 -14.11 43.74 -2.03
C TYR B 482 -14.19 42.21 -1.87
N SER B 483 -14.58 41.77 -0.68
CA SER B 483 -14.84 40.35 -0.35
C SER B 483 -16.17 40.23 0.40
N ASP B 484 -17.05 39.36 -0.07
CA ASP B 484 -18.29 38.92 0.61
C ASP B 484 -17.92 38.29 1.97
N ARG B 485 -16.91 37.42 1.98
CA ARG B 485 -16.51 36.63 3.16
C ARG B 485 -16.09 37.60 4.26
N VAL B 486 -15.30 38.59 3.87
CA VAL B 486 -14.72 39.60 4.80
C VAL B 486 -15.88 40.48 5.28
N THR B 487 -16.74 40.94 4.37
CA THR B 487 -17.85 41.84 4.68
C THR B 487 -18.74 41.12 5.71
N VAL B 488 -19.01 39.84 5.44
CA VAL B 488 -19.93 39.03 6.28
C VAL B 488 -19.25 38.82 7.65
N ALA B 489 -17.98 38.44 7.67
CA ALA B 489 -17.24 38.16 8.94
C ALA B 489 -17.21 39.43 9.82
N ARG B 490 -16.94 40.60 9.24
CA ARG B 490 -16.87 41.90 9.98
C ARG B 490 -18.25 42.26 10.54
N LEU B 491 -19.33 42.07 9.78
CA LEU B 491 -20.72 42.27 10.27
C LEU B 491 -21.05 41.31 11.42
N LEU B 492 -20.58 40.06 11.38
CA LEU B 492 -20.90 39.06 12.42
C LEU B 492 -19.92 39.16 13.61
N GLY B 493 -18.87 39.98 13.52
CA GLY B 493 -17.83 40.11 14.55
C GLY B 493 -16.90 38.89 14.60
N VAL B 494 -16.70 38.23 13.45
CA VAL B 494 -15.86 37.00 13.38
C VAL B 494 -14.76 37.25 12.34
N ILE B 495 -13.90 36.25 12.13
CA ILE B 495 -12.67 36.37 11.29
C ILE B 495 -12.85 35.52 10.02
N ALA B 496 -12.95 36.16 8.86
CA ALA B 496 -12.79 35.49 7.56
C ALA B 496 -11.31 35.12 7.39
S DMS C . 0.23 -15.78 6.84
O DMS C . -0.56 -16.14 5.64
C1 DMS C . -0.77 -14.57 7.66
C2 DMS C . 1.53 -14.75 6.24
C1 IPA D . -8.64 -13.37 4.22
C2 IPA D . -8.08 -12.04 3.86
C3 IPA D . -8.83 -11.24 2.84
O2 IPA D . -6.73 -12.18 3.45
N1 SZ2 E . -5.54 -16.76 1.87
C4 SZ2 E . -1.91 -18.01 3.56
C5 SZ2 E . -0.55 -18.69 3.65
C6 SZ2 E . -4.17 -18.25 2.77
C7 SZ2 E . -6.19 -17.48 2.79
C8 SZ2 E . -7.55 -17.46 3.08
C10 SZ2 E . -9.48 -18.51 4.03
C12 SZ2 E . -8.34 -16.41 2.65
C11 SZ2 E . -9.72 -16.50 2.92
N2 SZ2 E . -10.30 -17.52 3.61
C9 SZ2 E . -8.11 -18.53 3.79
N SZ2 E . -5.30 -18.43 3.38
O SZ2 E . -4.25 -17.27 1.87
C3 SZ2 E . -2.92 -18.98 2.95
C2 SZ2 E . -2.46 -19.51 1.59
C1 SZ2 E . -1.08 -20.14 1.79
C SZ2 E . -0.13 -19.02 2.21
C1 CIT F . 13.94 -23.51 10.62
O1 CIT F . 13.25 -23.26 11.63
O2 CIT F . 15.19 -23.45 10.60
C2 CIT F . 13.17 -23.93 9.37
C3 CIT F . 13.90 -23.82 8.02
O7 CIT F . 15.22 -23.33 8.22
C4 CIT F . 14.08 -25.20 7.40
C5 CIT F . 14.90 -25.18 6.12
O3 CIT F . 16.15 -25.08 6.21
O4 CIT F . 14.29 -25.20 5.06
C6 CIT F . 13.12 -22.89 7.02
O5 CIT F . 11.89 -23.06 6.80
O6 CIT F . 13.80 -22.03 6.48
N1 SZ2 G . -14.52 -1.14 -10.43
C4 SZ2 G . -15.19 3.26 -11.01
C5 SZ2 G . -15.60 4.62 -10.43
C6 SZ2 G . -15.39 0.86 -10.77
C7 SZ2 G . -14.93 -1.06 -11.70
C8 SZ2 G . -14.86 -2.18 -12.60
C10 SZ2 G . -15.26 -3.18 -14.73
C12 SZ2 G . -14.25 -3.40 -12.18
C11 SZ2 G . -14.17 -4.45 -13.11
N2 SZ2 G . -14.67 -4.34 -14.37
C9 SZ2 G . -15.37 -2.07 -13.90
N SZ2 G . -15.50 0.27 -11.97
O SZ2 G . -14.81 0.04 -9.89
C3 SZ2 G . -15.78 2.14 -10.18
C2 SZ2 G . -17.30 2.23 -10.10
C1 SZ2 G . -17.72 3.65 -9.71
C SZ2 G . -17.10 4.71 -10.62
S DMS H . -11.46 6.07 -11.70
O DMS H . -12.81 5.97 -11.09
C1 DMS H . -10.82 4.42 -11.86
C2 DMS H . -10.43 6.61 -10.36
C1 CIT I . -16.23 21.68 -11.60
O1 CIT I . -15.84 22.78 -11.14
O2 CIT I . -16.50 21.49 -12.81
C2 CIT I . -16.29 20.48 -10.66
C3 CIT I . -17.65 20.11 -10.03
O7 CIT I . -18.56 19.64 -11.01
C4 CIT I . -18.26 21.35 -9.35
C5 CIT I . -19.31 21.08 -8.27
O3 CIT I . -19.39 21.92 -7.34
O4 CIT I . -20.04 20.07 -8.35
C6 CIT I . -17.38 18.99 -8.98
O5 CIT I . -16.90 19.35 -7.89
O6 CIT I . -17.66 17.81 -9.33
#